data_5A57
#
_entry.id   5A57
#
_cell.length_a   87.150
_cell.length_b   122.190
_cell.length_c   139.850
_cell.angle_alpha   90.00
_cell.angle_beta   90.00
_cell.angle_gamma   90.00
#
_symmetry.space_group_name_H-M   'P 2 21 21'
#
loop_
_entity.id
_entity.type
_entity.pdbx_description
1 polymer ENDO-ALPHA-N-ACETYLGALACTOSAMINIDASE
2 non-polymer 'CALCIUM ION'
3 non-polymer 'CITRIC ACID'
4 non-polymer '(Z)-[(3R,4R,5R,6R)-3-acetamido-6-(hydroxymethyl)-4,5-bis(oxidanyl)oxan-2-ylidene]amino] N-phenylcarbamate'
5 non-polymer 1,2-ETHANEDIOL
6 non-polymer beta-D-galactopyranose
7 water water
#
_entity_poly.entity_id   1
_entity_poly.type   'polypeptide(L)'
_entity_poly.pdbx_seq_one_letter_code
;MEKETGPEVDDSKVTYDTIQSKVLKAVIDQAFPRVKEYSLNGHTLPGQVQQFNQVFINNHRITPEVTYKKINETTAEYLM
KLRDDAHLINAEMTVRLQVVDNQLHFDVTKIVNHNQVTPGQKIDDESKLLSSISFLGNALVSVSSDQTGAKFDGATMSNN
THVSGDDHIDVTNPMKDLAKGYMYGFVSTDKLAAGVWSNSQNSYGGGSNDWTRLTAYKETVGNANYVGIHSSEWQWEKAY
KGIVFPEYTKELPSAKVVITEDANADKNVDWQDGAIAYRSIMNNPQGWEKVKDITAYRIAMNFGSQAQNPFLMTLDGIKK
INLHTDGLGQGVLLKGYGSEGHDSGHLNYADIGKRIGGVEDFKTLIEKAKKYGAHLGIHVNASETYPESKYFNEKILRKN
PDGSYSYGWNWLDQGINIDAAYDLAHGRLARWEDLKKKLGDGLDFIYVDVWGNGQSGDNGAWATHVLAKEINKQGWRFAI
EWGHGGEYDSTFHHWAADLTYGGYTNKGINSAITRFIRNHQKDAWVGDYRSYGGAANYPLLGGYSMKDFEGWQGRSDYNG
YVTNLFAHDVMTKYFQHFTVSKWENGTPVTMTDNGSTYKWTPEMRVELVDADNNKVVVTRKSNDVNSPQYRERTVTLNGR
VIQDGSAYLTPWNWDANGKKLSTDKEKMYYFNTQAGATTWTLPSDWAKSKVYLYKLTDQGKTEEQELTVKDGKITLDLLA
NQPYVLYRSKQTNPEMSWSEGMHIYDQGFNSGTLKHWTISGDASKAEIVKSQGANDMLRIQGNKEKVSLTQKLTGLKPNT
KYAVYVGVDNRSNAKASITVNTGEKEVTTYTNKSLALNYVKAYAHNTRRNNATVDDTSYFQNMYAFFTTGADVSNVTLTL
SREAGDEATYFDEIRTFENNSSMYGDKHDTGKGTFKQDFENVAQGIFPFVVGGVEGVEDNRTHLSEKHDPYTQRGWNGKK
VDDVIEGNWSLKTNGLVSRRNLVYQTIPQNFRFEAGKTYRVTFEYEAGSDNTYAFVVGKGEFQSGRRGTQASNLEMHELP
NTWTDSKKAKKATFLVTGAETGDTWVGIYSTGNASNTRGDSGGNANFRGYNDFMMDNLQIEEITLTGKMLTEHHHHH
;
_entity_poly.pdbx_strand_id   A
#
# COMPACT_ATOMS: atom_id res chain seq x y z
N MET A 1 -36.64 35.70 -5.17
CA MET A 1 -35.46 36.61 -5.12
C MET A 1 -35.61 37.61 -6.25
N GLU A 2 -35.40 38.90 -5.98
CA GLU A 2 -35.47 39.94 -7.02
C GLU A 2 -34.18 39.93 -7.87
N LYS A 3 -34.30 40.34 -9.14
CA LYS A 3 -33.14 40.57 -10.03
C LYS A 3 -32.09 41.45 -9.37
N GLU A 4 -30.86 41.02 -9.46
CA GLU A 4 -29.78 41.62 -8.72
C GLU A 4 -29.05 42.66 -9.55
N THR A 5 -28.49 43.64 -8.87
N THR A 5 -28.52 43.66 -8.85
CA THR A 5 -27.72 44.69 -9.54
CA THR A 5 -27.70 44.71 -9.48
C THR A 5 -26.49 45.02 -8.71
C THR A 5 -26.45 44.96 -8.69
N GLY A 6 -25.43 45.49 -9.38
CA GLY A 6 -24.21 45.91 -8.77
C GLY A 6 -23.65 47.07 -9.55
N PRO A 7 -22.55 47.61 -9.05
CA PRO A 7 -21.93 48.74 -9.77
C PRO A 7 -21.60 48.40 -11.18
N GLU A 8 -21.82 49.35 -12.09
CA GLU A 8 -21.26 49.30 -13.43
C GLU A 8 -19.75 49.57 -13.35
N VAL A 9 -19.09 49.39 -14.50
CA VAL A 9 -17.66 49.56 -14.60
C VAL A 9 -17.28 50.81 -15.41
N ASP A 10 -16.54 51.67 -14.72
CA ASP A 10 -15.94 52.88 -15.32
C ASP A 10 -14.45 52.61 -15.48
N ASP A 11 -14.06 52.37 -16.73
CA ASP A 11 -12.66 52.09 -17.06
C ASP A 11 -11.95 53.29 -17.69
N SER A 12 -12.49 54.48 -17.42
CA SER A 12 -11.83 55.72 -17.97
C SER A 12 -10.41 55.91 -17.56
N LYS A 13 -10.02 55.46 -16.37
CA LYS A 13 -8.66 55.65 -15.86
C LYS A 13 -7.79 54.38 -16.05
N VAL A 14 -8.27 53.43 -16.83
CA VAL A 14 -7.55 52.17 -17.05
C VAL A 14 -6.94 52.15 -18.46
N THR A 15 -5.68 51.70 -18.51
CA THR A 15 -4.91 51.49 -19.72
C THR A 15 -4.80 49.96 -19.93
N TYR A 16 -5.50 49.44 -20.91
CA TYR A 16 -5.41 48.06 -21.33
C TYR A 16 -4.41 47.82 -22.44
N ASP A 17 -3.83 46.63 -22.44
CA ASP A 17 -3.03 46.12 -23.53
C ASP A 17 -3.65 44.79 -23.98
N THR A 18 -3.10 44.19 -25.02
CA THR A 18 -3.52 42.85 -25.39
CA THR A 18 -3.52 42.87 -25.44
C THR A 18 -2.29 41.99 -25.59
N ILE A 19 -2.39 40.74 -25.17
CA ILE A 19 -1.44 39.70 -25.54
C ILE A 19 -2.22 38.62 -26.25
N GLN A 20 -1.60 37.95 -27.22
CA GLN A 20 -2.31 37.03 -28.06
C GLN A 20 -1.41 36.02 -28.75
N SER A 21 -1.96 34.83 -28.92
CA SER A 21 -1.44 33.78 -29.80
C SER A 21 -2.16 33.92 -31.12
N LYS A 22 -2.00 32.96 -32.02
CA LYS A 22 -2.82 32.97 -33.24
C LYS A 22 -4.29 32.65 -33.00
N VAL A 23 -4.64 32.01 -31.87
CA VAL A 23 -6.01 31.60 -31.64
C VAL A 23 -6.70 32.32 -30.47
N LEU A 24 -5.93 32.84 -29.52
CA LEU A 24 -6.51 33.43 -28.31
C LEU A 24 -5.96 34.80 -28.02
N LYS A 25 -6.87 35.75 -27.78
CA LYS A 25 -6.46 37.08 -27.37
CA LYS A 25 -6.53 37.12 -27.37
C LYS A 25 -6.95 37.36 -25.95
N ALA A 26 -6.09 37.96 -25.15
CA ALA A 26 -6.40 38.38 -23.79
C ALA A 26 -6.19 39.89 -23.68
N VAL A 27 -7.22 40.60 -23.25
CA VAL A 27 -7.11 42.03 -22.90
C VAL A 27 -6.68 42.10 -21.45
N ILE A 28 -5.56 42.75 -21.18
CA ILE A 28 -4.96 42.78 -19.88
C ILE A 28 -4.76 44.19 -19.36
N ASP A 29 -4.91 44.43 -18.10
CA ASP A 29 -4.66 45.73 -17.49
C ASP A 29 -3.18 45.97 -17.36
N GLN A 30 -2.69 47.15 -17.74
CA GLN A 30 -1.30 47.48 -17.45
C GLN A 30 -0.99 47.77 -15.98
N ALA A 31 -2.02 48.00 -15.17
CA ALA A 31 -1.84 48.40 -13.78
C ALA A 31 -1.72 47.21 -12.82
N PHE A 32 -2.05 46.01 -13.28
CA PHE A 32 -2.22 44.88 -12.37
C PHE A 32 -2.42 43.67 -13.26
N PRO A 33 -1.93 42.46 -12.88
CA PRO A 33 -2.05 41.29 -13.74
C PRO A 33 -3.44 40.68 -13.72
N ARG A 34 -4.34 41.35 -14.43
CA ARG A 34 -5.76 41.02 -14.55
C ARG A 34 -6.06 40.86 -16.04
N VAL A 35 -6.80 39.83 -16.41
CA VAL A 35 -7.39 39.64 -17.74
C VAL A 35 -8.81 40.14 -17.68
N LYS A 36 -9.14 41.16 -18.47
CA LYS A 36 -10.52 41.65 -18.59
C LYS A 36 -11.39 40.67 -19.36
N GLU A 37 -10.91 40.17 -20.49
CA GLU A 37 -11.72 39.36 -21.40
CA GLU A 37 -11.68 39.26 -21.31
C GLU A 37 -10.81 38.55 -22.35
N TYR A 38 -11.31 37.42 -22.78
CA TYR A 38 -10.67 36.52 -23.74
C TYR A 38 -11.51 36.45 -25.01
N SER A 39 -10.85 36.31 -26.17
CA SER A 39 -11.54 36.05 -27.41
CA SER A 39 -11.56 36.02 -27.39
CA SER A 39 -11.51 36.09 -27.42
C SER A 39 -10.88 34.89 -28.13
N LEU A 40 -11.71 33.97 -28.60
CA LEU A 40 -11.27 32.82 -29.42
C LEU A 40 -12.36 32.50 -30.44
N ASN A 41 -11.95 32.47 -31.72
CA ASN A 41 -12.87 32.23 -32.85
C ASN A 41 -14.12 33.09 -32.85
N GLY A 42 -13.93 34.35 -32.47
CA GLY A 42 -14.99 35.33 -32.47
C GLY A 42 -15.98 35.19 -31.32
N HIS A 43 -15.68 34.32 -30.35
CA HIS A 43 -16.45 34.17 -29.12
C HIS A 43 -15.66 34.71 -27.96
N THR A 44 -16.35 35.08 -26.87
CA THR A 44 -15.67 35.67 -25.76
C THR A 44 -16.04 34.99 -24.43
N LEU A 45 -15.08 35.03 -23.50
CA LEU A 45 -15.33 34.78 -22.09
C LEU A 45 -14.72 35.92 -21.31
N PRO A 46 -15.45 36.46 -20.36
CA PRO A 46 -14.87 37.44 -19.44
C PRO A 46 -13.80 36.86 -18.56
N GLY A 47 -12.99 37.73 -17.99
CA GLY A 47 -12.03 37.41 -16.97
C GLY A 47 -12.49 38.01 -15.69
N GLN A 48 -11.79 39.03 -15.21
CA GLN A 48 -12.16 39.83 -14.07
C GLN A 48 -12.51 41.22 -14.68
N VAL A 49 -13.81 41.48 -14.82
CA VAL A 49 -14.28 42.68 -15.54
CA VAL A 49 -14.19 42.69 -15.56
C VAL A 49 -14.11 43.93 -14.67
N GLN A 50 -14.31 43.78 -13.37
CA GLN A 50 -14.20 44.87 -12.38
C GLN A 50 -12.82 44.85 -11.75
N GLN A 51 -12.02 45.90 -11.93
CA GLN A 51 -10.66 46.06 -11.31
CA GLN A 51 -10.72 45.89 -11.29
C GLN A 51 -10.76 45.79 -9.79
N PHE A 52 -9.77 45.10 -9.25
CA PHE A 52 -9.62 44.87 -7.84
C PHE A 52 -8.11 44.87 -7.59
N ASN A 53 -7.48 46.04 -7.48
CA ASN A 53 -6.03 46.14 -7.45
C ASN A 53 -5.49 46.00 -6.04
N GLN A 54 -5.74 44.82 -5.46
CA GLN A 54 -5.31 44.47 -4.12
C GLN A 54 -4.88 43.01 -4.14
N VAL A 55 -3.93 42.68 -3.30
CA VAL A 55 -3.58 41.27 -3.01
C VAL A 55 -3.59 41.15 -1.50
N PHE A 56 -3.57 39.92 -1.02
CA PHE A 56 -3.47 39.67 0.41
C PHE A 56 -2.20 38.91 0.69
N ILE A 57 -1.32 39.52 1.46
CA ILE A 57 -0.03 38.97 1.81
C ILE A 57 -0.05 38.69 3.31
N ASN A 58 0.16 37.42 3.69
CA ASN A 58 0.04 37.04 5.10
C ASN A 58 -1.32 37.42 5.68
N ASN A 59 -2.38 37.31 4.89
CA ASN A 59 -3.72 37.70 5.25
C ASN A 59 -3.90 39.18 5.56
N HIS A 60 -3.03 40.03 4.99
CA HIS A 60 -3.16 41.50 5.10
C HIS A 60 -3.37 42.09 3.74
N ARG A 61 -4.34 42.96 3.62
CA ARG A 61 -4.62 43.65 2.36
C ARG A 61 -3.50 44.59 1.96
N ILE A 62 -2.99 44.45 0.74
CA ILE A 62 -1.91 45.31 0.25
C ILE A 62 -2.29 45.83 -1.13
N THR A 63 -2.12 47.14 -1.34
CA THR A 63 -2.26 47.75 -2.67
C THR A 63 -0.89 47.76 -3.30
N PRO A 64 -0.60 46.85 -4.22
CA PRO A 64 0.74 46.77 -4.73
C PRO A 64 1.13 47.99 -5.57
N GLU A 65 2.42 48.33 -5.55
CA GLU A 65 2.97 49.34 -6.47
C GLU A 65 3.52 48.61 -7.69
N VAL A 66 2.88 48.82 -8.83
CA VAL A 66 3.06 47.95 -10.02
C VAL A 66 3.72 48.69 -11.14
N THR A 67 4.70 48.07 -11.74
CA THR A 67 5.22 48.51 -13.03
C THR A 67 5.08 47.41 -14.09
N TYR A 68 4.90 47.78 -15.34
CA TYR A 68 4.48 46.90 -16.38
C TYR A 68 5.46 46.92 -17.55
N LYS A 69 5.67 45.76 -18.18
CA LYS A 69 6.36 45.71 -19.45
C LYS A 69 5.76 44.64 -20.34
N LYS A 70 5.39 44.97 -21.56
CA LYS A 70 4.98 43.98 -22.55
C LYS A 70 6.24 43.38 -23.13
N ILE A 71 6.49 42.09 -22.88
CA ILE A 71 7.75 41.46 -23.25
C ILE A 71 7.74 41.11 -24.73
N ASN A 72 6.65 40.58 -25.22
CA ASN A 72 6.49 40.21 -26.61
C ASN A 72 5.03 40.05 -26.93
N GLU A 73 4.67 39.52 -28.11
CA GLU A 73 3.27 39.54 -28.55
C GLU A 73 2.39 38.71 -27.61
N THR A 74 2.99 37.73 -26.94
CA THR A 74 2.21 36.80 -26.09
C THR A 74 2.37 37.00 -24.61
N THR A 75 3.26 37.85 -24.17
CA THR A 75 3.77 37.84 -22.79
C THR A 75 3.91 39.21 -22.19
N ALA A 76 3.40 39.42 -20.98
CA ALA A 76 3.54 40.62 -20.24
C ALA A 76 4.06 40.36 -18.84
N GLU A 77 4.82 41.29 -18.26
CA GLU A 77 5.44 41.15 -16.96
C GLU A 77 5.11 42.33 -16.08
N TYR A 78 4.88 42.06 -14.81
CA TYR A 78 4.53 43.01 -13.81
C TYR A 78 5.46 42.88 -12.63
N LEU A 79 6.07 43.98 -12.18
CA LEU A 79 6.78 44.01 -10.93
C LEU A 79 5.87 44.66 -9.89
N MET A 80 5.65 43.97 -8.76
CA MET A 80 4.66 44.33 -7.78
C MET A 80 5.32 44.49 -6.42
N LYS A 81 5.52 45.75 -6.00
CA LYS A 81 6.13 46.04 -4.72
C LYS A 81 5.05 46.02 -3.64
N LEU A 82 5.38 45.35 -2.52
CA LEU A 82 4.47 45.08 -1.43
C LEU A 82 5.02 45.65 -0.11
N ARG A 83 4.30 46.61 0.45
CA ARG A 83 4.75 47.27 1.66
C ARG A 83 3.61 47.49 2.67
N ASP A 84 3.85 47.01 3.90
CA ASP A 84 2.96 47.26 5.00
C ASP A 84 3.82 47.24 6.25
N ASP A 85 4.27 48.41 6.69
CA ASP A 85 5.19 48.49 7.81
C ASP A 85 4.59 47.97 9.10
N ALA A 86 3.31 48.26 9.32
CA ALA A 86 2.59 47.82 10.52
C ALA A 86 2.61 46.29 10.67
N HIS A 87 2.66 45.59 9.55
CA HIS A 87 2.65 44.12 9.58
C HIS A 87 3.92 43.51 9.09
N LEU A 88 4.99 44.31 9.04
CA LEU A 88 6.32 43.84 8.72
C LEU A 88 6.40 43.16 7.34
N ILE A 89 5.69 43.75 6.39
CA ILE A 89 5.74 43.24 5.01
C ILE A 89 6.57 44.22 4.19
N ASN A 90 7.61 43.71 3.57
CA ASN A 90 8.50 44.48 2.71
C ASN A 90 9.07 43.54 1.69
N ALA A 91 8.44 43.49 0.51
CA ALA A 91 8.75 42.47 -0.45
C ALA A 91 8.38 42.91 -1.85
N GLU A 92 8.75 42.11 -2.83
CA GLU A 92 8.30 42.33 -4.19
C GLU A 92 8.18 41.00 -4.90
N MET A 93 7.22 40.97 -5.80
CA MET A 93 6.98 39.77 -6.59
C MET A 93 6.82 40.20 -8.07
N THR A 94 7.28 39.34 -8.95
CA THR A 94 7.16 39.52 -10.39
C THR A 94 6.17 38.50 -10.90
N VAL A 95 5.21 38.96 -11.69
CA VAL A 95 4.16 38.14 -12.29
C VAL A 95 4.25 38.24 -13.78
N ARG A 96 4.15 37.12 -14.46
CA ARG A 96 3.98 37.08 -15.92
C ARG A 96 2.65 36.52 -16.30
N LEU A 97 2.01 37.15 -17.29
CA LEU A 97 0.92 36.63 -18.05
C LEU A 97 1.38 36.22 -19.42
N GLN A 98 1.08 35.01 -19.84
CA GLN A 98 1.55 34.52 -21.14
C GLN A 98 0.52 33.69 -21.81
N VAL A 99 0.24 34.00 -23.06
CA VAL A 99 -0.67 33.19 -23.88
C VAL A 99 0.15 32.15 -24.67
N VAL A 100 -0.23 30.89 -24.54
CA VAL A 100 0.36 29.77 -25.26
C VAL A 100 -0.77 29.09 -25.99
N ASP A 101 -0.92 29.38 -27.27
CA ASP A 101 -2.06 28.90 -28.06
C ASP A 101 -3.39 29.24 -27.32
N ASN A 102 -4.17 28.24 -26.95
CA ASN A 102 -5.45 28.45 -26.25
C ASN A 102 -5.34 28.43 -24.71
N GLN A 103 -4.15 28.63 -24.18
CA GLN A 103 -3.89 28.67 -22.73
C GLN A 103 -3.44 30.04 -22.33
N LEU A 104 -3.78 30.44 -21.12
CA LEU A 104 -3.26 31.61 -20.46
C LEU A 104 -2.54 31.15 -19.21
N HIS A 105 -1.27 31.50 -19.10
CA HIS A 105 -0.42 31.13 -17.96
C HIS A 105 -0.24 32.32 -17.07
N PHE A 106 -0.49 32.14 -15.77
CA PHE A 106 -0.26 33.11 -14.71
C PHE A 106 0.87 32.57 -13.85
N ASP A 107 2.02 33.20 -13.81
CA ASP A 107 3.15 32.74 -12.99
C ASP A 107 3.74 33.83 -12.16
N VAL A 108 3.96 33.58 -10.88
CA VAL A 108 4.83 34.39 -10.05
C VAL A 108 6.22 33.87 -10.28
N THR A 109 7.04 34.63 -11.00
CA THR A 109 8.31 34.14 -11.48
C THR A 109 9.47 34.42 -10.53
N LYS A 110 9.25 35.35 -9.61
CA LYS A 110 10.28 35.76 -8.64
C LYS A 110 9.61 36.39 -7.44
N ILE A 111 10.07 36.04 -6.22
CA ILE A 111 9.65 36.63 -4.99
C ILE A 111 10.89 37.03 -4.21
N VAL A 112 10.89 38.30 -3.71
CA VAL A 112 11.97 38.80 -2.86
C VAL A 112 11.35 39.30 -1.61
N ASN A 113 11.74 38.72 -0.45
CA ASN A 113 11.41 39.24 0.85
C ASN A 113 12.63 39.98 1.36
N HIS A 114 12.47 41.28 1.56
CA HIS A 114 13.55 42.11 2.09
C HIS A 114 13.81 41.88 3.56
N ASN A 115 12.92 41.21 4.28
CA ASN A 115 13.24 40.76 5.62
C ASN A 115 14.25 39.62 5.55
N GLN A 116 15.12 39.51 6.54
CA GLN A 116 16.11 38.44 6.54
C GLN A 116 15.47 37.09 6.96
N VAL A 117 15.56 36.13 6.05
CA VAL A 117 15.01 34.78 6.27
C VAL A 117 16.01 33.79 5.73
N THR A 118 16.32 32.75 6.50
CA THR A 118 17.26 31.76 6.02
C THR A 118 16.61 30.37 6.19
N PRO A 119 16.18 29.74 5.07
CA PRO A 119 15.59 28.41 5.18
C PRO A 119 16.50 27.48 5.96
N GLY A 120 15.93 26.75 6.90
CA GLY A 120 16.66 25.87 7.78
C GLY A 120 17.18 26.44 9.06
N GLN A 121 17.03 27.75 9.25
CA GLN A 121 17.55 28.44 10.44
C GLN A 121 16.40 29.09 11.21
N LYS A 122 16.68 29.47 12.45
CA LYS A 122 15.73 30.14 13.29
C LYS A 122 15.36 31.54 12.72
N ILE A 123 14.10 31.90 12.91
CA ILE A 123 13.65 33.29 12.69
C ILE A 123 13.06 33.84 13.99
N ASP A 124 13.45 35.07 14.41
CA ASP A 124 12.91 35.49 15.69
C ASP A 124 11.50 36.04 15.63
N ASP A 125 11.04 36.45 14.46
CA ASP A 125 9.65 36.81 14.33
C ASP A 125 9.04 36.19 13.05
N GLU A 126 8.21 35.17 13.19
CA GLU A 126 7.57 34.53 12.03
C GLU A 126 6.69 35.46 11.18
N SER A 127 6.21 36.58 11.73
CA SER A 127 5.50 37.59 10.96
CA SER A 127 5.46 37.54 10.92
C SER A 127 6.37 38.15 9.85
N LYS A 128 7.68 38.04 10.01
CA LYS A 128 8.60 38.52 8.98
C LYS A 128 8.69 37.64 7.74
N LEU A 129 8.17 36.43 7.86
CA LEU A 129 8.13 35.52 6.73
C LEU A 129 7.10 36.02 5.72
N LEU A 130 7.33 35.76 4.46
CA LEU A 130 6.31 35.99 3.43
C LEU A 130 5.68 34.61 3.19
N SER A 131 4.61 34.36 3.93
CA SER A 131 4.08 33.00 4.05
CA SER A 131 4.04 33.02 4.09
C SER A 131 2.90 32.71 3.16
N SER A 132 2.09 33.70 2.80
CA SER A 132 0.99 33.43 1.91
C SER A 132 0.81 34.60 0.95
N ILE A 133 0.42 34.27 -0.29
CA ILE A 133 0.15 35.24 -1.34
C ILE A 133 -1.18 34.89 -1.92
N SER A 134 -2.14 35.82 -1.87
CA SER A 134 -3.49 35.58 -2.42
C SER A 134 -3.89 36.64 -3.46
N PHE A 135 -4.33 36.17 -4.60
CA PHE A 135 -4.92 37.00 -5.64
C PHE A 135 -6.41 36.69 -5.69
N LEU A 136 -7.01 36.20 -4.59
CA LEU A 136 -8.46 36.10 -4.54
C LEU A 136 -9.08 37.45 -4.78
N GLY A 137 -10.13 37.47 -5.57
CA GLY A 137 -10.74 38.73 -6.00
C GLY A 137 -10.43 39.08 -7.43
N ASN A 138 -9.45 38.41 -8.04
CA ASN A 138 -9.17 38.54 -9.46
C ASN A 138 -9.42 37.22 -10.16
N ALA A 139 -10.61 37.06 -10.69
CA ALA A 139 -10.97 35.84 -11.45
C ALA A 139 -10.05 35.67 -12.62
N LEU A 140 -9.51 34.47 -12.82
CA LEU A 140 -8.75 34.15 -14.02
C LEU A 140 -9.65 33.98 -15.25
N VAL A 141 -10.91 33.57 -15.07
CA VAL A 141 -11.89 33.43 -16.14
C VAL A 141 -13.25 33.41 -15.46
N SER A 142 -14.27 33.81 -16.20
CA SER A 142 -15.64 33.86 -15.69
C SER A 142 -16.62 33.69 -16.83
N VAL A 143 -17.90 33.62 -16.45
CA VAL A 143 -18.99 33.67 -17.39
C VAL A 143 -20.08 34.56 -16.77
N SER A 144 -20.84 35.24 -17.64
CA SER A 144 -21.90 36.18 -17.24
C SER A 144 -23.26 35.59 -17.55
N SER A 145 -24.22 35.92 -16.67
CA SER A 145 -25.60 35.57 -16.90
C SER A 145 -26.24 36.14 -18.15
N ASP A 146 -25.62 37.17 -18.73
CA ASP A 146 -26.09 37.68 -20.01
C ASP A 146 -25.68 36.85 -21.20
N GLN A 147 -24.78 35.86 -21.00
CA GLN A 147 -24.36 35.04 -22.07
C GLN A 147 -25.22 33.78 -22.16
N THR A 148 -25.50 33.33 -23.37
CA THR A 148 -26.28 32.15 -23.58
C THR A 148 -25.55 30.90 -23.08
N GLY A 149 -26.26 30.05 -22.36
CA GLY A 149 -25.68 28.78 -21.94
C GLY A 149 -24.72 28.91 -20.77
N ALA A 150 -24.74 30.04 -20.06
CA ALA A 150 -23.78 30.31 -18.99
C ALA A 150 -23.95 29.30 -17.85
N LYS A 151 -22.87 28.59 -17.54
CA LYS A 151 -22.87 27.56 -16.48
C LYS A 151 -21.50 27.40 -15.84
N PHE A 152 -21.51 27.02 -14.57
CA PHE A 152 -20.34 26.68 -13.80
C PHE A 152 -20.47 25.23 -13.35
N ASP A 153 -19.38 24.48 -13.41
CA ASP A 153 -19.34 23.09 -12.94
C ASP A 153 -18.07 22.92 -12.15
N GLY A 154 -18.15 22.39 -10.92
CA GLY A 154 -16.99 22.25 -10.05
C GLY A 154 -17.04 20.98 -9.25
N ALA A 155 -15.88 20.52 -8.88
CA ALA A 155 -15.74 19.31 -8.07
C ALA A 155 -15.15 19.65 -6.71
N THR A 156 -15.71 19.05 -5.67
CA THR A 156 -15.15 19.01 -4.34
C THR A 156 -14.91 17.58 -3.92
N MET A 157 -14.11 17.37 -2.87
CA MET A 157 -13.83 16.03 -2.37
C MET A 157 -15.05 15.49 -1.62
N SER A 158 -15.54 14.33 -2.05
CA SER A 158 -16.50 13.50 -1.32
C SER A 158 -15.99 12.10 -1.39
N ASN A 159 -16.03 11.37 -0.27
CA ASN A 159 -15.69 9.96 -0.17
C ASN A 159 -16.91 9.14 0.23
N ASN A 160 -18.07 9.76 0.25
CA ASN A 160 -19.33 9.12 0.59
C ASN A 160 -20.02 8.69 -0.69
N THR A 161 -20.29 7.40 -0.85
CA THR A 161 -20.83 6.87 -2.11
C THR A 161 -22.22 7.42 -2.44
N HIS A 162 -22.92 7.96 -1.43
CA HIS A 162 -24.24 8.57 -1.64
C HIS A 162 -24.21 9.98 -2.11
N VAL A 163 -23.05 10.68 -1.99
CA VAL A 163 -23.03 12.15 -2.13
C VAL A 163 -21.98 12.51 -3.16
N SER A 164 -22.43 12.98 -4.30
CA SER A 164 -21.52 13.51 -5.31
C SER A 164 -20.83 14.74 -4.79
N GLY A 165 -19.53 14.87 -5.08
CA GLY A 165 -18.77 16.12 -4.79
C GLY A 165 -19.02 17.21 -5.77
N ASP A 166 -19.78 17.01 -6.81
CA ASP A 166 -19.86 17.94 -7.94
C ASP A 166 -21.04 18.88 -7.80
N ASP A 167 -20.82 20.13 -8.17
CA ASP A 167 -21.84 21.14 -8.32
C ASP A 167 -21.97 21.52 -9.80
N HIS A 168 -23.21 21.67 -10.25
CA HIS A 168 -23.55 22.11 -11.58
C HIS A 168 -24.53 23.25 -11.44
N ILE A 169 -24.08 24.46 -11.75
CA ILE A 169 -24.80 25.73 -11.37
C ILE A 169 -25.03 26.53 -12.63
N ASP A 170 -26.28 26.78 -12.99
CA ASP A 170 -26.60 27.71 -14.05
C ASP A 170 -26.34 29.14 -13.54
N VAL A 171 -25.67 29.92 -14.39
CA VAL A 171 -25.32 31.28 -14.06
C VAL A 171 -26.44 32.19 -14.57
N THR A 172 -27.23 32.63 -13.60
CA THR A 172 -28.48 33.34 -13.85
C THR A 172 -28.55 34.58 -12.98
N ASN A 173 -29.53 35.45 -13.33
CA ASN A 173 -29.81 36.61 -12.48
C ASN A 173 -31.33 36.69 -12.23
N PRO A 174 -31.76 36.37 -10.98
CA PRO A 174 -30.97 36.18 -9.76
C PRO A 174 -30.39 34.75 -9.68
N MET A 175 -29.44 34.61 -8.77
CA MET A 175 -29.00 33.25 -8.38
C MET A 175 -28.52 33.29 -6.95
N LYS A 176 -28.36 32.08 -6.38
CA LYS A 176 -27.78 31.99 -5.06
C LYS A 176 -26.34 32.46 -4.98
N ASP A 177 -25.98 33.06 -3.86
CA ASP A 177 -24.60 33.49 -3.63
C ASP A 177 -23.70 32.26 -3.73
N LEU A 178 -22.47 32.51 -4.13
CA LEU A 178 -21.46 31.47 -4.30
C LEU A 178 -20.12 32.05 -3.95
N ALA A 179 -19.44 31.43 -2.98
CA ALA A 179 -18.14 31.74 -2.53
C ALA A 179 -17.54 30.49 -1.91
N LYS A 180 -16.87 29.68 -2.74
CA LYS A 180 -16.63 28.29 -2.39
CA LYS A 180 -16.63 28.29 -2.39
C LYS A 180 -15.38 27.74 -3.04
N GLY A 181 -14.63 26.95 -2.29
CA GLY A 181 -13.46 26.26 -2.83
C GLY A 181 -13.78 25.02 -3.62
N TYR A 182 -12.98 24.81 -4.65
CA TYR A 182 -13.08 23.67 -5.52
C TYR A 182 -11.75 23.10 -5.90
N MET A 183 -11.73 21.80 -6.17
CA MET A 183 -10.58 21.11 -6.73
C MET A 183 -10.39 21.33 -8.24
N TYR A 184 -11.50 21.33 -8.95
CA TYR A 184 -11.61 21.46 -10.41
C TYR A 184 -12.79 22.37 -10.64
N GLY A 185 -12.69 23.24 -11.63
CA GLY A 185 -13.74 24.17 -11.95
C GLY A 185 -13.72 24.60 -13.39
N PHE A 186 -14.93 24.73 -13.95
CA PHE A 186 -15.15 25.04 -15.35
C PHE A 186 -16.24 26.08 -15.46
N VAL A 187 -16.08 27.02 -16.38
CA VAL A 187 -17.17 27.89 -16.81
C VAL A 187 -17.37 27.71 -18.29
N SER A 188 -18.57 27.92 -18.76
CA SER A 188 -18.86 27.74 -20.19
C SER A 188 -20.09 28.49 -20.58
N THR A 189 -20.08 28.87 -21.87
CA THR A 189 -21.28 29.34 -22.58
C THR A 189 -21.68 28.26 -23.55
N ASP A 190 -22.56 28.58 -24.51
CA ASP A 190 -22.82 27.65 -25.62
C ASP A 190 -21.75 27.65 -26.68
N LYS A 191 -20.73 28.45 -26.53
CA LYS A 191 -19.67 28.58 -27.53
C LYS A 191 -18.27 28.26 -27.04
N LEU A 192 -17.98 28.54 -25.77
CA LEU A 192 -16.63 28.35 -25.21
C LEU A 192 -16.75 27.74 -23.83
N ALA A 193 -15.78 26.89 -23.51
CA ALA A 193 -15.58 26.35 -22.17
C ALA A 193 -14.19 26.66 -21.70
N ALA A 194 -14.01 26.87 -20.40
CA ALA A 194 -12.69 27.15 -19.81
C ALA A 194 -12.54 26.34 -18.51
N GLY A 195 -11.33 25.83 -18.34
CA GLY A 195 -10.92 25.16 -17.10
C GLY A 195 -9.75 25.87 -16.50
N VAL A 196 -9.63 25.80 -15.18
CA VAL A 196 -8.56 26.45 -14.42
C VAL A 196 -7.79 25.47 -13.57
N TRP A 197 -6.47 25.56 -13.63
CA TRP A 197 -5.54 24.80 -12.79
C TRP A 197 -4.78 25.79 -11.95
N SER A 198 -4.41 25.38 -10.74
CA SER A 198 -3.50 26.10 -9.87
C SER A 198 -2.67 25.12 -9.07
N ASN A 199 -1.43 25.49 -8.78
CA ASN A 199 -0.60 24.73 -7.83
C ASN A 199 -0.78 25.14 -6.39
N SER A 200 -1.77 26.01 -6.10
CA SER A 200 -2.10 26.41 -4.74
C SER A 200 -2.37 25.16 -3.88
N GLN A 201 -1.72 25.10 -2.72
CA GLN A 201 -2.06 24.06 -1.72
C GLN A 201 -2.90 24.59 -0.60
N ASN A 202 -3.78 25.53 -0.93
CA ASN A 202 -4.79 26.04 -0.02
C ASN A 202 -5.69 24.95 0.54
N SER A 203 -6.15 25.16 1.76
CA SER A 203 -7.29 24.46 2.32
C SER A 203 -8.21 25.41 3.04
N TYR A 204 -9.50 25.18 2.94
CA TYR A 204 -10.54 25.92 3.71
C TYR A 204 -11.08 25.08 4.85
N GLY A 205 -10.51 23.89 5.05
CA GLY A 205 -11.03 22.96 6.05
C GLY A 205 -10.90 21.53 5.57
N GLY A 206 -11.45 20.63 6.37
CA GLY A 206 -11.49 19.22 5.97
C GLY A 206 -12.60 18.92 5.01
N GLY A 207 -12.69 17.64 4.63
CA GLY A 207 -13.81 17.18 3.84
C GLY A 207 -13.86 17.95 2.52
N SER A 208 -15.05 18.41 2.20
CA SER A 208 -15.30 19.07 0.93
C SER A 208 -14.63 20.44 0.88
N ASN A 209 -14.09 20.94 2.01
CA ASN A 209 -13.35 22.20 2.01
C ASN A 209 -11.87 22.04 1.78
N ASP A 210 -11.39 20.83 1.54
CA ASP A 210 -10.01 20.57 1.43
C ASP A 210 -9.56 20.42 -0.07
N TRP A 211 -8.26 20.55 -0.36
CA TRP A 211 -7.74 20.41 -1.71
C TRP A 211 -8.33 21.51 -2.60
N THR A 212 -8.67 22.64 -1.98
CA THR A 212 -9.42 23.70 -2.63
C THR A 212 -8.49 24.71 -3.26
N ARG A 213 -7.88 24.28 -4.35
CA ARG A 213 -6.88 25.05 -5.11
C ARG A 213 -7.53 26.16 -5.89
N LEU A 214 -8.83 26.06 -6.12
CA LEU A 214 -9.63 27.11 -6.77
C LEU A 214 -10.65 27.66 -5.83
N THR A 215 -11.10 28.88 -6.07
CA THR A 215 -12.29 29.41 -5.39
C THR A 215 -13.21 29.99 -6.45
N ALA A 216 -14.48 29.62 -6.44
CA ALA A 216 -15.47 30.21 -7.32
C ALA A 216 -16.25 31.27 -6.58
N TYR A 217 -16.54 32.38 -7.26
CA TYR A 217 -17.19 33.52 -6.62
CA TYR A 217 -17.20 33.55 -6.64
C TYR A 217 -18.19 34.14 -7.60
N LYS A 218 -19.39 34.39 -7.10
CA LYS A 218 -20.40 35.16 -7.83
C LYS A 218 -20.16 36.64 -7.53
N GLU A 219 -20.10 37.43 -8.59
CA GLU A 219 -20.00 38.90 -8.46
C GLU A 219 -21.04 39.49 -9.38
N THR A 220 -21.85 40.43 -8.85
CA THR A 220 -22.87 41.12 -9.63
C THR A 220 -22.25 42.45 -10.15
N VAL A 221 -22.24 42.58 -11.46
CA VAL A 221 -21.71 43.77 -12.15
C VAL A 221 -22.81 44.29 -13.04
N GLY A 222 -23.24 45.52 -12.79
CA GLY A 222 -24.41 46.03 -13.50
C GLY A 222 -25.61 45.14 -13.31
N ASN A 223 -26.26 44.76 -14.39
CA ASN A 223 -27.42 43.91 -14.36
C ASN A 223 -27.13 42.44 -14.53
N ALA A 224 -25.86 42.07 -14.40
CA ALA A 224 -25.46 40.64 -14.67
C ALA A 224 -24.74 40.04 -13.48
N ASN A 225 -24.96 38.74 -13.29
CA ASN A 225 -24.16 37.99 -12.36
C ASN A 225 -23.06 37.27 -13.14
N TYR A 226 -21.87 37.36 -12.61
CA TYR A 226 -20.69 36.63 -13.14
C TYR A 226 -20.32 35.59 -12.13
N VAL A 227 -19.99 34.39 -12.60
CA VAL A 227 -19.32 33.42 -11.74
C VAL A 227 -17.90 33.29 -12.31
N GLY A 228 -16.94 33.63 -11.46
CA GLY A 228 -15.54 33.55 -11.84
C GLY A 228 -14.81 32.52 -11.02
N ILE A 229 -13.70 32.04 -11.60
CA ILE A 229 -12.85 31.05 -10.97
C ILE A 229 -11.50 31.71 -10.70
N HIS A 230 -11.14 31.72 -9.42
CA HIS A 230 -9.92 32.33 -8.89
C HIS A 230 -8.99 31.24 -8.46
N SER A 231 -7.68 31.47 -8.52
CA SER A 231 -6.79 30.65 -7.74
C SER A 231 -6.98 30.94 -6.27
N SER A 232 -7.05 29.90 -5.45
CA SER A 232 -6.94 30.07 -4.03
C SER A 232 -5.51 30.53 -3.65
N GLU A 233 -5.34 30.92 -2.40
CA GLU A 233 -4.09 31.41 -1.81
CA GLU A 233 -4.07 31.47 -2.00
C GLU A 233 -2.94 30.45 -2.07
N TRP A 234 -1.75 30.96 -2.32
CA TRP A 234 -0.54 30.18 -2.44
C TRP A 234 0.27 30.33 -1.18
N GLN A 235 1.08 29.32 -0.89
CA GLN A 235 1.99 29.32 0.26
C GLN A 235 3.41 29.57 -0.20
N TRP A 236 4.25 30.08 0.71
CA TRP A 236 5.64 30.41 0.38
C TRP A 236 6.55 30.09 1.58
N GLU A 237 7.12 31.09 2.28
CA GLU A 237 8.05 30.83 3.41
C GLU A 237 7.27 30.54 4.66
N LYS A 238 7.56 29.38 5.27
CA LYS A 238 6.89 28.91 6.45
C LYS A 238 7.93 28.33 7.41
N ALA A 239 7.50 28.23 8.65
CA ALA A 239 8.37 27.77 9.74
C ALA A 239 7.54 26.93 10.71
N TYR A 240 8.25 26.18 11.58
CA TYR A 240 7.64 25.49 12.68
C TYR A 240 8.44 25.78 13.94
N LYS A 241 7.72 26.34 14.92
CA LYS A 241 8.35 26.76 16.17
C LYS A 241 9.58 27.60 15.93
N GLY A 242 9.46 28.52 14.97
CA GLY A 242 10.56 29.40 14.68
C GLY A 242 11.66 28.92 13.77
N ILE A 243 11.62 27.63 13.36
CA ILE A 243 12.61 27.10 12.48
C ILE A 243 12.07 27.09 11.06
N VAL A 244 12.69 27.86 10.19
CA VAL A 244 12.24 28.01 8.82
C VAL A 244 12.43 26.68 8.08
N PHE A 245 11.40 26.27 7.37
CA PHE A 245 11.47 25.03 6.63
C PHE A 245 12.49 25.02 5.51
N PRO A 246 12.90 23.86 5.00
CA PRO A 246 13.87 23.85 3.89
C PRO A 246 13.38 24.58 2.64
N GLU A 247 14.34 25.05 1.85
CA GLU A 247 14.04 25.76 0.60
C GLU A 247 13.15 24.96 -0.34
N TYR A 248 13.29 23.62 -0.36
CA TYR A 248 12.54 22.83 -1.32
C TYR A 248 11.04 22.87 -1.04
N THR A 249 10.65 23.33 0.15
CA THR A 249 9.24 23.47 0.48
C THR A 249 8.60 24.69 -0.18
N LYS A 250 9.39 25.57 -0.80
CA LYS A 250 8.87 26.77 -1.50
C LYS A 250 8.72 26.44 -2.97
N GLU A 251 7.49 26.56 -3.48
CA GLU A 251 7.18 26.32 -4.88
C GLU A 251 6.52 27.60 -5.42
N LEU A 252 7.13 28.13 -6.49
CA LEU A 252 6.61 29.41 -7.03
C LEU A 252 5.13 29.25 -7.44
N PRO A 253 4.29 30.21 -7.08
CA PRO A 253 2.88 30.20 -7.51
C PRO A 253 2.71 30.13 -9.01
N SER A 254 1.75 29.32 -9.44
CA SER A 254 1.45 29.13 -10.84
CA SER A 254 1.41 29.19 -10.85
C SER A 254 -0.04 28.78 -11.00
N ALA A 255 -0.67 29.29 -12.04
CA ALA A 255 -2.00 28.89 -12.43
C ALA A 255 -2.13 28.99 -13.95
N LYS A 256 -3.12 28.30 -14.50
CA LYS A 256 -3.36 28.31 -15.91
C LYS A 256 -4.82 28.22 -16.22
N VAL A 257 -5.22 28.84 -17.32
CA VAL A 257 -6.53 28.72 -17.91
C VAL A 257 -6.43 28.09 -19.29
N VAL A 258 -7.36 27.25 -19.67
CA VAL A 258 -7.44 26.77 -21.07
C VAL A 258 -8.86 27.02 -21.54
N ILE A 259 -8.97 27.48 -22.81
CA ILE A 259 -10.23 27.87 -23.42
C ILE A 259 -10.43 27.09 -24.68
N THR A 260 -11.59 26.48 -24.82
CA THR A 260 -11.86 25.57 -25.89
C THR A 260 -13.25 25.66 -26.47
N GLU A 261 -13.39 25.31 -27.76
CA GLU A 261 -14.67 25.05 -28.34
C GLU A 261 -14.97 23.54 -28.20
N ASP A 262 -15.97 23.01 -28.88
CA ASP A 262 -16.32 21.60 -28.75
C ASP A 262 -15.10 20.74 -28.96
N ALA A 263 -14.85 19.81 -28.02
CA ALA A 263 -13.64 18.97 -28.02
C ALA A 263 -13.97 17.48 -28.08
N ASN A 264 -15.25 17.11 -28.00
CA ASN A 264 -15.68 15.71 -28.11
C ASN A 264 -16.72 15.45 -29.21
N ALA A 265 -16.85 16.44 -30.11
CA ALA A 265 -17.68 16.28 -31.32
C ALA A 265 -19.15 16.00 -31.05
N ASP A 266 -19.67 16.39 -29.88
CA ASP A 266 -21.09 16.21 -29.56
C ASP A 266 -21.95 17.46 -29.93
N LYS A 267 -21.25 18.44 -30.48
CA LYS A 267 -21.84 19.72 -30.95
C LYS A 267 -22.47 20.50 -29.83
N ASN A 268 -22.07 20.22 -28.58
CA ASN A 268 -22.44 21.00 -27.42
C ASN A 268 -21.16 21.45 -26.72
N VAL A 269 -21.19 22.65 -26.15
CA VAL A 269 -20.05 23.19 -25.39
C VAL A 269 -20.44 23.21 -23.93
N ASP A 270 -19.67 22.45 -23.11
CA ASP A 270 -19.99 22.32 -21.72
C ASP A 270 -18.70 21.93 -20.94
N TRP A 271 -18.87 21.64 -19.67
CA TRP A 271 -17.67 21.38 -18.86
C TRP A 271 -16.84 20.25 -19.39
N GLN A 272 -17.45 19.28 -20.08
CA GLN A 272 -16.68 18.12 -20.55
C GLN A 272 -15.64 18.53 -21.53
N ASP A 273 -15.94 19.50 -22.40
CA ASP A 273 -14.95 20.05 -23.29
C ASP A 273 -13.78 20.71 -22.54
N GLY A 274 -14.14 21.51 -21.52
CA GLY A 274 -13.18 22.10 -20.67
C GLY A 274 -12.28 21.05 -19.98
N ALA A 275 -12.89 19.94 -19.54
CA ALA A 275 -12.14 18.88 -18.85
C ALA A 275 -11.16 18.17 -19.75
N ILE A 276 -11.52 17.96 -21.00
CA ILE A 276 -10.61 17.39 -21.97
C ILE A 276 -9.45 18.35 -22.14
N ALA A 277 -9.74 19.63 -22.38
CA ALA A 277 -8.69 20.61 -22.58
C ALA A 277 -7.77 20.73 -21.35
N TYR A 278 -8.39 20.65 -20.17
CA TYR A 278 -7.68 20.78 -18.90
C TYR A 278 -6.52 19.80 -18.76
N ARG A 279 -6.62 18.62 -19.42
CA ARG A 279 -5.49 17.68 -19.30
C ARG A 279 -4.19 18.23 -19.81
N SER A 280 -4.21 19.28 -20.68
CA SER A 280 -2.98 19.90 -21.16
C SER A 280 -2.34 20.84 -20.19
N ILE A 281 -3.10 21.36 -19.22
CA ILE A 281 -2.60 22.34 -18.27
C ILE A 281 -2.42 21.82 -16.84
N MET A 282 -2.93 20.64 -16.58
CA MET A 282 -2.95 20.13 -15.19
C MET A 282 -1.62 19.53 -14.75
N ASN A 283 -1.40 19.54 -13.45
CA ASN A 283 -0.41 18.65 -12.87
C ASN A 283 -0.78 17.18 -13.16
N ASN A 284 0.23 16.34 -13.29
CA ASN A 284 0.07 14.89 -13.46
C ASN A 284 0.88 14.21 -12.37
N PRO A 285 0.23 13.40 -11.54
CA PRO A 285 0.95 12.76 -10.43
C PRO A 285 2.06 11.89 -10.94
N GLN A 286 3.24 11.98 -10.32
CA GLN A 286 4.39 11.34 -10.87
C GLN A 286 4.20 9.81 -10.85
N GLY A 287 4.54 9.17 -11.96
CA GLY A 287 4.34 7.73 -12.13
C GLY A 287 3.00 7.31 -12.64
N TRP A 288 2.14 8.27 -12.99
CA TRP A 288 0.76 7.92 -13.42
C TRP A 288 0.74 7.02 -14.62
N GLU A 289 1.71 7.16 -15.52
CA GLU A 289 1.66 6.34 -16.74
C GLU A 289 1.67 4.87 -16.48
N LYS A 290 2.24 4.44 -15.36
CA LYS A 290 2.31 3.01 -15.05
C LYS A 290 0.97 2.42 -14.66
N VAL A 291 0.08 3.24 -14.08
CA VAL A 291 -1.10 2.74 -13.39
C VAL A 291 -1.95 1.83 -14.27
N LYS A 292 -2.20 2.24 -15.52
CA LYS A 292 -3.13 1.48 -16.41
C LYS A 292 -2.67 0.04 -16.63
N ASP A 293 -1.39 -0.25 -16.46
CA ASP A 293 -0.90 -1.65 -16.66
C ASP A 293 -0.62 -2.40 -15.37
N ILE A 294 -0.84 -1.77 -14.23
CA ILE A 294 -0.76 -2.52 -12.98
C ILE A 294 -2.10 -3.10 -12.68
N THR A 295 -2.33 -4.28 -13.21
CA THR A 295 -3.60 -4.99 -13.12
C THR A 295 -3.75 -5.76 -11.82
N ALA A 296 -2.64 -6.28 -11.33
CA ALA A 296 -2.64 -7.19 -10.16
C ALA A 296 -1.87 -6.59 -8.97
N TYR A 297 -2.55 -5.74 -8.19
CA TYR A 297 -2.07 -5.24 -6.94
C TYR A 297 -2.32 -6.27 -5.86
N ARG A 298 -1.46 -6.25 -4.86
CA ARG A 298 -1.63 -7.03 -3.64
C ARG A 298 -0.52 -6.69 -2.68
N ILE A 299 -0.64 -7.19 -1.45
CA ILE A 299 0.31 -6.98 -0.38
C ILE A 299 0.95 -8.30 0.01
N ALA A 300 2.27 -8.30 0.17
CA ALA A 300 3.03 -9.41 0.73
C ALA A 300 3.55 -8.97 2.09
N MET A 301 3.15 -9.66 3.15
CA MET A 301 3.33 -9.21 4.51
C MET A 301 4.40 -10.01 5.29
N ASN A 302 5.20 -9.26 6.03
CA ASN A 302 6.11 -9.83 7.03
C ASN A 302 5.79 -9.17 8.35
N PHE A 303 5.96 -9.91 9.44
CA PHE A 303 5.53 -9.41 10.73
C PHE A 303 6.20 -10.16 11.87
N GLY A 304 6.63 -9.45 12.87
CA GLY A 304 7.04 -10.01 14.15
C GLY A 304 8.21 -10.95 14.09
N SER A 305 9.19 -10.65 13.22
CA SER A 305 10.43 -11.39 13.11
C SER A 305 10.25 -12.71 12.39
N GLN A 306 9.06 -13.04 11.91
CA GLN A 306 8.76 -14.34 11.33
C GLN A 306 9.25 -14.55 9.93
N ALA A 307 9.45 -13.49 9.16
CA ALA A 307 9.90 -13.65 7.78
C ALA A 307 8.99 -14.60 6.99
N GLN A 308 7.69 -14.31 7.06
CA GLN A 308 6.66 -15.02 6.32
C GLN A 308 6.86 -15.00 4.83
N ASN A 309 7.34 -13.89 4.36
CA ASN A 309 7.47 -13.62 2.94
C ASN A 309 8.85 -13.03 2.58
N PRO A 310 9.88 -13.86 2.57
CA PRO A 310 11.21 -13.41 2.14
C PRO A 310 11.15 -12.82 0.73
N PHE A 311 12.04 -11.86 0.45
CA PHE A 311 12.00 -11.15 -0.82
C PHE A 311 12.00 -12.14 -1.99
N LEU A 312 12.86 -13.18 -1.92
CA LEU A 312 12.98 -14.04 -3.11
C LEU A 312 11.74 -14.94 -3.28
N MET A 313 11.00 -15.19 -2.21
CA MET A 313 9.80 -15.97 -2.33
CA MET A 313 9.77 -15.97 -2.30
C MET A 313 8.70 -15.19 -3.07
N THR A 314 8.68 -13.87 -2.86
CA THR A 314 7.69 -13.02 -3.54
C THR A 314 7.84 -13.16 -5.05
N LEU A 315 9.06 -13.39 -5.55
CA LEU A 315 9.25 -13.61 -6.97
C LEU A 315 8.52 -14.83 -7.50
N ASP A 316 8.40 -15.88 -6.71
CA ASP A 316 7.60 -17.02 -7.11
C ASP A 316 6.12 -16.72 -7.18
N GLY A 317 5.59 -15.90 -6.25
CA GLY A 317 4.21 -15.47 -6.41
C GLY A 317 3.98 -14.64 -7.66
N ILE A 318 4.96 -13.79 -7.99
CA ILE A 318 4.91 -13.02 -9.24
C ILE A 318 4.85 -13.96 -10.45
N LYS A 319 5.62 -15.02 -10.43
CA LYS A 319 5.60 -15.98 -11.54
C LYS A 319 4.29 -16.75 -11.64
N LYS A 320 3.68 -17.12 -10.52
CA LYS A 320 2.35 -17.76 -10.57
C LYS A 320 1.37 -16.83 -11.28
N ILE A 321 1.35 -15.56 -10.88
CA ILE A 321 0.38 -14.60 -11.39
C ILE A 321 0.70 -14.31 -12.85
N ASN A 322 1.96 -14.27 -13.23
CA ASN A 322 2.34 -14.08 -14.63
C ASN A 322 1.77 -15.18 -15.50
N LEU A 323 1.87 -16.42 -15.05
CA LEU A 323 1.29 -17.55 -15.77
C LEU A 323 -0.21 -17.44 -15.84
N HIS A 324 -0.83 -17.25 -14.69
CA HIS A 324 -2.26 -17.36 -14.53
C HIS A 324 -3.00 -16.24 -15.23
N THR A 325 -2.36 -15.09 -15.37
CA THR A 325 -2.94 -13.94 -16.07
C THR A 325 -2.45 -13.85 -17.53
N ASP A 326 -1.58 -14.73 -17.99
CA ASP A 326 -0.92 -14.58 -19.27
C ASP A 326 -0.31 -13.20 -19.43
N GLY A 327 0.49 -12.81 -18.44
CA GLY A 327 1.31 -11.63 -18.62
C GLY A 327 0.67 -10.29 -18.34
N LEU A 328 -0.21 -10.21 -17.37
CA LEU A 328 -0.70 -8.89 -16.89
C LEU A 328 0.25 -8.33 -15.86
N GLY A 329 0.34 -7.02 -15.83
CA GLY A 329 1.26 -6.34 -14.87
C GLY A 329 0.78 -6.43 -13.46
N GLN A 330 1.73 -6.21 -12.55
CA GLN A 330 1.51 -6.42 -11.14
C GLN A 330 2.12 -5.31 -10.31
N GLY A 331 1.61 -5.15 -9.10
CA GLY A 331 2.10 -4.20 -8.12
C GLY A 331 2.03 -4.87 -6.76
N VAL A 332 3.21 -5.20 -6.20
CA VAL A 332 3.24 -5.86 -4.91
C VAL A 332 3.79 -4.93 -3.84
N LEU A 333 2.93 -4.58 -2.90
CA LEU A 333 3.26 -3.74 -1.76
C LEU A 333 3.84 -4.60 -0.68
N LEU A 334 5.08 -4.31 -0.31
CA LEU A 334 5.84 -5.09 0.67
C LEU A 334 5.62 -4.45 2.02
N LYS A 335 4.59 -4.91 2.72
CA LYS A 335 4.22 -4.43 4.04
C LYS A 335 4.98 -5.23 5.04
N GLY A 336 6.03 -4.66 5.60
CA GLY A 336 7.01 -5.38 6.39
C GLY A 336 8.30 -5.61 5.67
N TYR A 337 8.63 -4.78 4.65
CA TYR A 337 9.91 -4.88 3.99
C TYR A 337 11.09 -4.54 4.90
N GLY A 338 10.84 -3.81 6.00
CA GLY A 338 11.85 -3.25 6.85
C GLY A 338 11.90 -3.87 8.23
N SER A 339 13.04 -3.76 8.86
CA SER A 339 13.16 -4.08 10.28
C SER A 339 12.67 -5.52 10.50
N GLU A 340 11.94 -5.74 11.58
CA GLU A 340 11.40 -7.07 11.91
C GLU A 340 10.08 -7.37 11.21
N GLY A 341 9.60 -6.44 10.39
CA GLY A 341 8.35 -6.58 9.64
C GLY A 341 7.45 -5.37 9.79
N HIS A 342 6.18 -5.58 9.52
CA HIS A 342 5.18 -4.52 9.52
C HIS A 342 5.02 -3.97 10.92
N ASP A 343 5.07 -2.63 11.03
CA ASP A 343 4.96 -1.96 12.29
C ASP A 343 6.11 -2.21 13.22
N SER A 344 7.27 -2.56 12.68
CA SER A 344 8.55 -2.52 13.42
C SER A 344 9.45 -1.45 12.80
N GLY A 345 10.21 -0.74 13.64
CA GLY A 345 11.38 0.04 13.14
C GLY A 345 11.01 1.26 12.31
N HIS A 346 9.82 1.83 12.51
CA HIS A 346 9.38 2.92 11.62
C HIS A 346 10.32 4.12 11.72
N LEU A 347 10.32 4.79 10.56
CA LEU A 347 11.09 6.00 10.24
C LEU A 347 12.45 5.66 9.66
N ASN A 348 13.07 4.52 10.02
CA ASN A 348 14.36 4.15 9.48
C ASN A 348 14.14 3.44 8.16
N TYR A 349 13.87 4.24 7.12
CA TYR A 349 13.42 3.69 5.86
C TYR A 349 14.45 2.78 5.24
N ALA A 350 15.72 3.10 5.41
CA ALA A 350 16.83 2.35 4.86
C ALA A 350 17.11 1.02 5.55
N ASP A 351 16.45 0.75 6.70
CA ASP A 351 16.68 -0.51 7.42
C ASP A 351 15.81 -1.60 6.76
N ILE A 352 16.31 -2.11 5.68
CA ILE A 352 15.66 -3.18 4.91
C ILE A 352 15.78 -4.46 5.73
N GLY A 353 14.69 -5.22 5.82
CA GLY A 353 14.63 -6.36 6.75
C GLY A 353 15.70 -7.40 6.51
N LYS A 354 16.49 -7.66 7.53
CA LYS A 354 17.58 -8.62 7.36
C LYS A 354 17.07 -10.05 7.31
N ARG A 355 16.04 -10.38 8.08
CA ARG A 355 15.62 -11.77 8.18
C ARG A 355 14.88 -12.24 6.95
N ILE A 356 14.47 -11.31 6.08
CA ILE A 356 13.81 -11.66 4.81
C ILE A 356 14.76 -11.60 3.61
N GLY A 357 16.05 -11.36 3.89
CA GLY A 357 17.15 -11.43 2.87
C GLY A 357 17.87 -10.13 2.64
N GLY A 358 17.47 -9.08 3.30
CA GLY A 358 18.22 -7.84 3.22
C GLY A 358 18.16 -7.15 1.87
N VAL A 359 18.97 -6.08 1.79
CA VAL A 359 19.04 -5.28 0.56
C VAL A 359 19.46 -6.12 -0.63
N GLU A 360 20.29 -7.15 -0.47
CA GLU A 360 20.75 -7.90 -1.61
C GLU A 360 19.59 -8.63 -2.25
N ASP A 361 18.75 -9.27 -1.44
CA ASP A 361 17.63 -10.03 -2.02
C ASP A 361 16.51 -9.08 -2.51
N PHE A 362 16.35 -7.94 -1.88
CA PHE A 362 15.41 -6.93 -2.35
C PHE A 362 15.83 -6.47 -3.75
N LYS A 363 17.10 -6.16 -3.90
CA LYS A 363 17.61 -5.75 -5.22
C LYS A 363 17.37 -6.82 -6.26
N THR A 364 17.60 -8.09 -5.92
CA THR A 364 17.33 -9.18 -6.87
C THR A 364 15.87 -9.29 -7.24
N LEU A 365 15.01 -9.18 -6.23
CA LEU A 365 13.57 -9.20 -6.49
C LEU A 365 13.17 -8.09 -7.46
N ILE A 366 13.57 -6.86 -7.18
CA ILE A 366 13.23 -5.70 -8.07
C ILE A 366 13.72 -6.01 -9.48
N GLU A 367 14.95 -6.44 -9.67
CA GLU A 367 15.48 -6.67 -11.01
C GLU A 367 14.83 -7.78 -11.74
N LYS A 368 14.67 -8.91 -11.09
CA LYS A 368 14.11 -10.06 -11.76
C LYS A 368 12.62 -9.93 -12.05
N ALA A 369 11.95 -9.09 -11.29
CA ALA A 369 10.52 -8.87 -11.46
C ALA A 369 10.21 -8.04 -12.73
N LYS A 370 11.16 -7.27 -13.21
CA LYS A 370 10.91 -6.36 -14.35
C LYS A 370 10.36 -7.08 -15.56
N LYS A 371 10.91 -8.25 -15.89
CA LYS A 371 10.44 -8.92 -17.09
C LYS A 371 9.02 -9.44 -17.00
N TYR A 372 8.44 -9.50 -15.79
CA TYR A 372 7.06 -9.88 -15.53
C TYR A 372 6.16 -8.65 -15.35
N GLY A 373 6.68 -7.45 -15.63
CA GLY A 373 5.93 -6.24 -15.38
C GLY A 373 5.43 -6.11 -13.96
N ALA A 374 6.22 -6.62 -13.03
CA ALA A 374 5.86 -6.60 -11.63
C ALA A 374 6.64 -5.57 -10.91
N HIS A 375 5.93 -4.58 -10.42
CA HIS A 375 6.46 -3.40 -9.75
C HIS A 375 6.33 -3.58 -8.27
N LEU A 376 7.39 -3.26 -7.54
CA LEU A 376 7.38 -3.38 -6.09
C LEU A 376 7.18 -2.03 -5.46
N GLY A 377 6.46 -2.02 -4.34
CA GLY A 377 6.34 -0.87 -3.47
C GLY A 377 6.63 -1.25 -2.03
N ILE A 378 6.85 -0.24 -1.19
CA ILE A 378 7.06 -0.50 0.24
C ILE A 378 6.11 0.31 1.06
N HIS A 379 5.78 -0.22 2.24
CA HIS A 379 4.97 0.48 3.25
C HIS A 379 5.87 1.16 4.24
N VAL A 380 5.72 2.48 4.39
CA VAL A 380 6.45 3.26 5.35
C VAL A 380 5.50 4.08 6.20
N ASN A 381 6.02 4.72 7.25
CA ASN A 381 5.23 5.51 8.16
C ASN A 381 6.04 6.78 8.41
N ALA A 382 5.37 7.93 8.40
CA ALA A 382 5.98 9.24 8.68
C ALA A 382 5.21 9.90 9.82
N SER A 383 4.51 9.12 10.66
CA SER A 383 3.68 9.64 11.72
C SER A 383 3.93 9.12 13.13
N GLU A 384 4.63 8.00 13.29
CA GLU A 384 4.84 7.42 14.62
C GLU A 384 6.06 6.53 14.55
N THR A 385 6.64 6.25 15.72
CA THR A 385 7.81 5.39 15.79
C THR A 385 7.86 4.64 17.14
N TYR A 386 8.83 3.76 17.27
CA TYR A 386 8.98 2.89 18.43
C TYR A 386 10.37 3.06 18.98
N PRO A 387 10.58 2.88 20.29
CA PRO A 387 11.87 3.05 20.91
C PRO A 387 13.03 2.38 20.17
N GLU A 388 12.82 1.18 19.64
CA GLU A 388 13.82 0.44 18.86
C GLU A 388 14.41 1.20 17.66
N SER A 389 13.63 2.10 17.06
CA SER A 389 14.10 2.78 15.84
C SER A 389 15.24 3.71 16.09
N LYS A 390 16.19 3.69 15.18
CA LYS A 390 17.30 4.64 15.19
C LYS A 390 16.84 6.09 15.34
N TYR A 391 15.68 6.39 14.77
CA TYR A 391 15.19 7.77 14.73
C TYR A 391 14.25 8.12 15.88
N PHE A 392 14.05 7.20 16.80
CA PHE A 392 13.35 7.56 18.05
C PHE A 392 14.28 8.42 18.88
N ASN A 393 13.78 9.58 19.27
CA ASN A 393 14.52 10.57 20.05
C ASN A 393 13.48 11.49 20.65
N GLU A 394 13.74 12.03 21.84
CA GLU A 394 12.74 12.89 22.45
C GLU A 394 12.31 14.07 21.59
N LYS A 395 13.24 14.60 20.81
CA LYS A 395 13.00 15.82 20.07
C LYS A 395 11.95 15.65 18.98
N ILE A 396 11.82 14.44 18.43
CA ILE A 396 10.90 14.21 17.34
C ILE A 396 9.49 13.81 17.77
N LEU A 397 9.34 13.49 19.05
CA LEU A 397 8.09 12.96 19.53
C LEU A 397 7.06 14.02 19.68
N ARG A 398 5.81 13.69 19.38
CA ARG A 398 4.70 14.60 19.53
C ARG A 398 4.23 14.64 20.97
N LYS A 399 4.08 15.84 21.52
CA LYS A 399 3.57 16.01 22.86
C LYS A 399 2.27 16.78 22.76
N ASN A 400 1.37 16.48 23.69
CA ASN A 400 0.10 17.17 23.87
C ASN A 400 0.38 18.54 24.54
N PRO A 401 -0.61 19.45 24.49
CA PRO A 401 -0.38 20.75 25.13
C PRO A 401 0.01 20.65 26.61
N ASP A 402 -0.50 19.65 27.32
CA ASP A 402 -0.18 19.41 28.72
C ASP A 402 1.19 18.76 28.99
N GLY A 403 1.96 18.45 27.94
CA GLY A 403 3.29 17.88 28.14
C GLY A 403 3.37 16.36 27.97
N SER A 404 2.21 15.73 27.98
CA SER A 404 2.13 14.27 27.87
C SER A 404 2.50 13.87 26.44
N TYR A 405 3.01 12.66 26.32
CA TYR A 405 3.18 12.08 24.98
C TYR A 405 1.89 11.83 24.29
N SER A 406 1.88 12.05 22.98
CA SER A 406 0.81 11.63 22.14
C SER A 406 1.13 10.19 21.73
N TYR A 407 0.61 9.23 22.46
CA TYR A 407 0.93 7.83 22.18
C TYR A 407 0.27 7.40 20.88
N GLY A 408 0.99 6.52 20.17
CA GLY A 408 0.57 6.01 18.88
C GLY A 408 0.18 4.57 18.98
N TRP A 409 0.42 3.82 17.89
CA TRP A 409 -0.02 2.46 17.81
C TRP A 409 0.71 1.58 18.83
N ASN A 410 -0.01 0.64 19.42
CA ASN A 410 0.51 -0.40 20.29
C ASN A 410 0.17 -1.75 19.67
N TRP A 411 1.19 -2.53 19.42
CA TRP A 411 0.97 -3.92 18.90
C TRP A 411 2.11 -4.83 19.32
N LEU A 412 3.26 -4.76 18.65
CA LEU A 412 4.44 -5.46 19.13
C LEU A 412 5.13 -4.74 20.29
N ASP A 413 5.09 -3.41 20.19
CA ASP A 413 5.62 -2.46 21.17
C ASP A 413 4.64 -1.29 21.24
N GLN A 414 4.84 -0.40 22.23
CA GLN A 414 4.05 0.81 22.31
C GLN A 414 4.78 1.95 21.58
N GLY A 415 4.16 2.43 20.52
CA GLY A 415 4.70 3.54 19.72
C GLY A 415 4.27 4.89 20.27
N ILE A 416 4.98 5.92 19.81
CA ILE A 416 4.67 7.32 20.13
C ILE A 416 4.57 8.08 18.80
N ASN A 417 3.57 8.91 18.67
CA ASN A 417 3.41 9.73 17.47
C ASN A 417 4.58 10.70 17.40
N ILE A 418 4.95 11.05 16.16
CA ILE A 418 5.97 12.05 15.91
C ILE A 418 5.31 13.33 15.45
N ASP A 419 6.07 14.41 15.56
CA ASP A 419 5.63 15.72 15.09
C ASP A 419 6.18 15.91 13.69
N ALA A 420 5.29 15.76 12.71
CA ALA A 420 5.68 15.73 11.29
C ALA A 420 6.25 17.06 10.86
N ALA A 421 5.75 18.15 11.41
CA ALA A 421 6.29 19.48 11.05
C ALA A 421 7.71 19.63 11.59
N TYR A 422 7.94 19.20 12.85
CA TYR A 422 9.31 19.18 13.37
C TYR A 422 10.20 18.32 12.47
N ASP A 423 9.68 17.15 12.07
CA ASP A 423 10.44 16.21 11.27
C ASP A 423 10.92 16.85 9.94
N LEU A 424 9.97 17.45 9.23
CA LEU A 424 10.27 18.16 7.98
C LEU A 424 11.37 19.19 8.22
N ALA A 425 11.26 19.93 9.32
CA ALA A 425 12.21 21.01 9.64
C ALA A 425 13.56 20.53 10.14
N HIS A 426 13.70 19.23 10.37
CA HIS A 426 14.88 18.63 10.96
C HIS A 426 15.26 17.35 10.25
N GLY A 427 15.39 17.44 8.94
CA GLY A 427 16.09 16.42 8.17
C GLY A 427 15.33 15.20 7.70
N ARG A 428 14.01 15.27 7.62
CA ARG A 428 13.28 14.13 7.08
C ARG A 428 13.76 13.66 5.69
N LEU A 429 14.06 14.61 4.80
CA LEU A 429 14.46 14.30 3.45
C LEU A 429 15.61 13.30 3.42
N ALA A 430 16.60 13.47 4.27
CA ALA A 430 17.74 12.62 4.25
C ALA A 430 17.41 11.13 4.50
N ARG A 431 16.33 10.87 5.23
CA ARG A 431 15.97 9.48 5.46
C ARG A 431 15.56 8.79 4.16
N TRP A 432 14.84 9.52 3.28
CA TRP A 432 14.51 8.99 1.96
C TRP A 432 15.75 8.80 1.12
N GLU A 433 16.63 9.81 1.15
CA GLU A 433 17.89 9.76 0.40
C GLU A 433 18.74 8.56 0.82
N ASP A 434 18.76 8.25 2.11
CA ASP A 434 19.54 7.11 2.60
C ASP A 434 18.98 5.78 2.06
N LEU A 435 17.64 5.65 2.06
CA LEU A 435 17.04 4.48 1.42
C LEU A 435 17.42 4.36 -0.04
N LYS A 436 17.32 5.47 -0.76
CA LYS A 436 17.63 5.44 -2.18
C LYS A 436 19.06 5.05 -2.45
N LYS A 437 19.98 5.56 -1.65
CA LYS A 437 21.40 5.20 -1.77
C LYS A 437 21.62 3.72 -1.56
N LYS A 438 20.97 3.16 -0.54
CA LYS A 438 21.18 1.75 -0.21
C LYS A 438 20.50 0.82 -1.20
N LEU A 439 19.28 1.15 -1.58
CA LEU A 439 18.46 0.24 -2.42
C LEU A 439 18.77 0.34 -3.92
N GLY A 440 19.09 1.53 -4.39
CA GLY A 440 19.27 1.75 -5.80
C GLY A 440 18.01 2.00 -6.55
N ASP A 441 18.04 1.72 -7.85
CA ASP A 441 16.99 2.07 -8.75
C ASP A 441 15.95 0.95 -8.84
N GLY A 442 14.81 1.30 -9.40
CA GLY A 442 13.84 0.33 -9.85
C GLY A 442 12.65 0.11 -8.95
N LEU A 443 12.73 0.59 -7.70
CA LEU A 443 11.52 0.55 -6.85
C LEU A 443 10.47 1.43 -7.50
N ASP A 444 9.21 0.99 -7.49
CA ASP A 444 8.15 1.76 -8.08
C ASP A 444 7.55 2.75 -7.08
N PHE A 445 6.92 2.29 -6.00
CA PHE A 445 6.08 3.17 -5.19
C PHE A 445 6.40 3.12 -3.72
N ILE A 446 6.15 4.23 -3.07
CA ILE A 446 6.16 4.34 -1.62
C ILE A 446 4.73 4.55 -1.19
N TYR A 447 4.22 3.64 -0.37
CA TYR A 447 2.92 3.76 0.28
C TYR A 447 3.15 4.25 1.70
N VAL A 448 2.64 5.45 2.00
CA VAL A 448 2.77 6.06 3.33
C VAL A 448 1.49 5.78 4.10
N ASP A 449 1.60 4.86 5.05
CA ASP A 449 0.49 4.50 5.91
C ASP A 449 0.15 5.63 6.84
N VAL A 450 -1.10 5.69 7.30
CA VAL A 450 -1.58 6.58 8.42
C VAL A 450 -1.75 8.05 8.00
N TRP A 451 -0.76 8.58 7.31
CA TRP A 451 -0.68 9.99 6.94
C TRP A 451 -2.01 10.46 6.39
N GLY A 452 -2.51 11.56 6.93
CA GLY A 452 -3.79 12.13 6.56
C GLY A 452 -4.81 12.00 7.65
N ASN A 453 -4.49 11.30 8.74
CA ASN A 453 -5.36 11.22 9.89
C ASN A 453 -5.03 12.13 11.05
N GLY A 454 -4.00 12.96 10.87
CA GLY A 454 -3.61 13.90 11.94
C GLY A 454 -2.81 13.42 13.14
N GLN A 455 -2.45 12.14 13.20
CA GLN A 455 -1.65 11.60 14.30
C GLN A 455 -0.38 12.38 14.50
N SER A 456 0.25 12.80 13.42
CA SER A 456 1.52 13.51 13.46
C SER A 456 1.36 15.02 13.28
N GLY A 457 0.13 15.50 13.51
CA GLY A 457 -0.20 16.90 13.32
C GLY A 457 -0.72 17.19 11.93
N ASP A 458 -0.28 18.27 11.34
CA ASP A 458 -0.76 18.68 10.05
C ASP A 458 -0.32 17.70 8.95
N ASN A 459 -1.32 17.10 8.32
CA ASN A 459 -1.11 16.16 7.21
C ASN A 459 -2.00 16.62 6.05
N GLY A 460 -2.28 17.92 5.95
CA GLY A 460 -3.12 18.44 4.92
C GLY A 460 -2.48 18.62 3.55
N ALA A 461 -3.13 19.42 2.71
CA ALA A 461 -2.70 19.54 1.32
C ALA A 461 -1.24 19.98 1.19
N TRP A 462 -0.88 21.09 1.84
CA TRP A 462 0.47 21.60 1.72
C TRP A 462 1.49 20.58 2.23
N ALA A 463 1.26 20.03 3.42
CA ALA A 463 2.22 19.13 4.03
C ALA A 463 2.34 17.84 3.23
N THR A 464 1.22 17.41 2.65
CA THR A 464 1.22 16.20 1.81
C THR A 464 2.00 16.40 0.51
N HIS A 465 1.85 17.60 -0.08
CA HIS A 465 2.60 17.91 -1.29
C HIS A 465 4.10 17.92 -1.03
N VAL A 466 4.50 18.46 0.11
CA VAL A 466 5.91 18.46 0.48
C VAL A 466 6.44 17.04 0.64
N LEU A 467 5.68 16.19 1.36
CA LEU A 467 6.07 14.80 1.53
C LEU A 467 6.18 14.03 0.24
N ALA A 468 5.18 14.21 -0.61
CA ALA A 468 5.16 13.56 -1.91
C ALA A 468 6.34 14.02 -2.76
N LYS A 469 6.68 15.30 -2.70
CA LYS A 469 7.82 15.81 -3.48
C LYS A 469 9.12 15.15 -3.05
N GLU A 470 9.29 14.94 -1.74
CA GLU A 470 10.51 14.28 -1.25
C GLU A 470 10.64 12.87 -1.82
N ILE A 471 9.51 12.15 -1.80
CA ILE A 471 9.45 10.77 -2.30
C ILE A 471 9.69 10.75 -3.83
N ASN A 472 8.94 11.63 -4.54
CA ASN A 472 9.03 11.69 -5.99
C ASN A 472 10.46 12.04 -6.41
N LYS A 473 11.15 12.85 -5.64
CA LYS A 473 12.53 13.25 -6.03
C LYS A 473 13.49 12.09 -6.08
N GLN A 474 13.22 11.04 -5.29
CA GLN A 474 14.03 9.85 -5.30
C GLN A 474 13.75 8.95 -6.51
N GLY A 475 12.72 9.28 -7.27
CA GLY A 475 12.23 8.48 -8.39
C GLY A 475 11.06 7.59 -8.12
N TRP A 476 10.38 7.81 -7.01
CA TRP A 476 9.32 6.93 -6.53
C TRP A 476 7.96 7.56 -6.70
N ARG A 477 6.99 6.73 -6.98
CA ARG A 477 5.58 7.06 -7.15
C ARG A 477 4.92 7.10 -5.78
N PHE A 478 4.00 8.03 -5.57
CA PHE A 478 3.31 8.20 -4.29
C PHE A 478 1.95 7.47 -4.16
N ALA A 479 1.73 6.87 -2.99
CA ALA A 479 0.52 6.12 -2.68
C ALA A 479 0.19 6.37 -1.23
N ILE A 480 -1.08 6.39 -0.86
CA ILE A 480 -1.52 6.71 0.51
C ILE A 480 -2.72 5.85 0.87
N GLU A 481 -3.16 5.96 2.13
CA GLU A 481 -4.17 5.09 2.67
C GLU A 481 -5.56 5.56 2.32
N TRP A 482 -5.89 6.81 2.60
CA TRP A 482 -7.26 7.29 2.66
C TRP A 482 -7.78 7.73 1.31
N GLY A 483 -9.08 7.57 1.11
CA GLY A 483 -9.77 8.05 -0.09
C GLY A 483 -9.58 9.54 -0.29
N HIS A 484 -9.53 10.28 0.79
CA HIS A 484 -9.32 11.76 0.73
C HIS A 484 -7.90 12.20 0.71
N GLY A 485 -6.93 11.30 0.85
CA GLY A 485 -5.54 11.70 0.94
C GLY A 485 -4.88 12.01 -0.36
N GLY A 486 -3.84 12.84 -0.31
CA GLY A 486 -2.97 13.01 -1.48
C GLY A 486 -3.66 13.27 -2.79
N GLU A 487 -4.64 14.15 -2.85
CA GLU A 487 -5.40 14.29 -4.11
C GLU A 487 -4.47 14.80 -5.22
N TYR A 488 -3.51 15.63 -4.86
CA TYR A 488 -2.63 16.23 -5.88
C TYR A 488 -1.62 15.23 -6.45
N ASP A 489 -0.95 14.47 -5.57
CA ASP A 489 0.19 13.64 -5.96
C ASP A 489 -0.01 12.14 -5.93
N SER A 490 -1.06 11.63 -5.30
CA SER A 490 -1.21 10.17 -5.19
C SER A 490 -1.69 9.52 -6.48
N THR A 491 -1.27 8.28 -6.64
CA THR A 491 -1.68 7.43 -7.74
C THR A 491 -2.47 6.21 -7.27
N PHE A 492 -2.61 6.04 -5.96
CA PHE A 492 -3.21 4.84 -5.37
C PHE A 492 -3.64 5.18 -3.98
N HIS A 493 -4.84 4.76 -3.64
CA HIS A 493 -5.42 4.97 -2.32
C HIS A 493 -5.92 3.67 -1.81
N HIS A 494 -5.34 3.18 -0.73
CA HIS A 494 -5.69 1.82 -0.31
C HIS A 494 -7.18 1.66 0.00
N TRP A 495 -7.78 2.63 0.67
CA TRP A 495 -9.19 2.55 1.03
C TRP A 495 -10.14 2.89 -0.11
N ALA A 496 -9.64 3.30 -1.26
CA ALA A 496 -10.42 3.28 -2.51
C ALA A 496 -10.34 1.89 -3.16
N ALA A 497 -9.18 1.30 -3.20
CA ALA A 497 -8.90 0.07 -3.95
C ALA A 497 -9.32 -1.17 -3.24
N ASP A 498 -9.24 -1.22 -1.91
CA ASP A 498 -9.82 -2.35 -1.14
C ASP A 498 -11.21 -1.93 -0.78
N LEU A 499 -12.16 -2.50 -1.51
CA LEU A 499 -13.54 -2.04 -1.38
C LEU A 499 -14.17 -2.36 -0.05
N THR A 500 -13.58 -3.30 0.67
CA THR A 500 -14.18 -3.72 1.96
C THR A 500 -13.97 -2.70 3.06
N TYR A 501 -12.94 -1.85 3.01
CA TYR A 501 -12.67 -1.01 4.16
C TYR A 501 -13.59 0.14 4.33
N GLY A 502 -13.86 0.49 5.59
CA GLY A 502 -14.38 1.81 5.91
C GLY A 502 -15.86 2.03 5.80
N GLY A 503 -16.53 1.25 4.98
CA GLY A 503 -17.93 1.47 4.67
C GLY A 503 -18.13 2.64 3.74
N TYR A 504 -19.40 2.96 3.53
CA TYR A 504 -19.78 3.78 2.40
C TYR A 504 -19.31 5.23 2.47
N THR A 505 -18.96 5.70 3.66
CA THR A 505 -18.52 7.10 3.84
C THR A 505 -17.03 7.31 3.64
N ASN A 506 -16.28 6.25 3.42
CA ASN A 506 -14.80 6.26 3.46
C ASN A 506 -14.15 5.62 2.23
N LYS A 507 -14.80 5.75 1.07
CA LYS A 507 -14.32 5.15 -0.15
C LYS A 507 -13.59 6.16 -1.04
N GLY A 508 -13.51 5.86 -2.33
CA GLY A 508 -12.82 6.72 -3.28
C GLY A 508 -13.55 8.00 -3.58
N ILE A 509 -12.97 8.75 -4.52
CA ILE A 509 -13.44 10.11 -4.82
C ILE A 509 -14.73 10.05 -5.62
N ASN A 510 -15.82 10.42 -5.00
CA ASN A 510 -17.14 10.36 -5.62
C ASN A 510 -17.43 11.65 -6.40
N SER A 511 -16.84 11.73 -7.57
CA SER A 511 -16.92 12.95 -8.42
C SER A 511 -16.81 12.46 -9.84
N ALA A 512 -17.85 12.70 -10.65
CA ALA A 512 -17.82 12.44 -12.07
C ALA A 512 -16.83 13.33 -12.78
N ILE A 513 -16.78 14.62 -12.39
CA ILE A 513 -15.85 15.57 -13.01
C ILE A 513 -14.41 15.09 -12.79
N THR A 514 -14.10 14.74 -11.55
CA THR A 514 -12.71 14.36 -11.25
C THR A 514 -12.33 13.04 -11.91
N ARG A 515 -13.27 12.09 -11.88
CA ARG A 515 -12.98 10.81 -12.51
C ARG A 515 -12.90 10.93 -14.02
N PHE A 516 -13.73 11.77 -14.62
CA PHE A 516 -13.60 12.04 -16.07
C PHE A 516 -12.16 12.47 -16.38
N ILE A 517 -11.67 13.43 -15.59
CA ILE A 517 -10.37 14.01 -15.85
C ILE A 517 -9.24 13.03 -15.66
N ARG A 518 -9.28 12.28 -14.54
CA ARG A 518 -8.14 11.53 -14.07
C ARG A 518 -8.29 10.01 -13.98
N ASN A 519 -9.36 9.41 -14.47
CA ASN A 519 -9.57 8.00 -14.30
C ASN A 519 -8.36 7.18 -14.68
N HIS A 520 -7.69 7.52 -15.76
CA HIS A 520 -6.57 6.77 -16.32
C HIS A 520 -5.29 6.92 -15.54
N GLN A 521 -5.22 7.82 -14.58
CA GLN A 521 -3.97 8.17 -13.91
C GLN A 521 -3.77 7.61 -12.51
N LYS A 522 -4.82 7.04 -11.93
CA LYS A 522 -4.76 6.62 -10.51
C LYS A 522 -5.88 5.66 -10.20
N ASP A 523 -5.70 4.89 -9.13
CA ASP A 523 -6.75 4.09 -8.54
C ASP A 523 -7.18 4.80 -7.28
N ALA A 524 -8.18 5.67 -7.44
CA ALA A 524 -8.64 6.62 -6.43
C ALA A 524 -10.18 6.72 -6.40
N TRP A 525 -10.88 5.77 -7.04
CA TRP A 525 -12.26 5.96 -7.44
C TRP A 525 -13.20 5.08 -6.64
N VAL A 526 -14.48 5.17 -6.96
CA VAL A 526 -15.51 4.33 -6.38
C VAL A 526 -15.66 3.07 -7.26
N GLY A 527 -15.34 1.90 -6.71
CA GLY A 527 -15.53 0.62 -7.38
C GLY A 527 -16.87 0.00 -7.07
N ASP A 528 -17.11 -1.15 -7.69
CA ASP A 528 -18.39 -1.86 -7.53
C ASP A 528 -18.50 -2.56 -6.17
N TYR A 529 -19.38 -2.09 -5.33
CA TYR A 529 -19.63 -2.70 -4.03
C TYR A 529 -21.08 -2.34 -3.71
N ARG A 530 -21.99 -3.22 -4.13
CA ARG A 530 -23.42 -2.90 -4.18
C ARG A 530 -23.98 -2.46 -2.84
N SER A 531 -23.48 -3.02 -1.75
CA SER A 531 -24.01 -2.72 -0.44
C SER A 531 -23.75 -1.28 0.04
N TYR A 532 -22.88 -0.55 -0.66
CA TYR A 532 -22.68 0.87 -0.38
C TYR A 532 -23.59 1.79 -1.13
N GLY A 533 -24.30 1.25 -2.15
CA GLY A 533 -25.20 2.07 -2.90
C GLY A 533 -24.57 3.21 -3.66
N GLY A 534 -25.40 4.15 -4.08
CA GLY A 534 -24.90 5.33 -4.79
C GLY A 534 -24.00 5.00 -5.94
N ALA A 535 -22.85 5.71 -6.01
CA ALA A 535 -21.87 5.52 -7.04
C ALA A 535 -21.25 4.14 -7.10
N ALA A 536 -21.32 3.38 -5.99
CA ALA A 536 -20.71 2.09 -5.87
C ALA A 536 -21.66 0.99 -6.35
N ASN A 537 -22.92 1.32 -6.70
CA ASN A 537 -23.80 0.33 -7.30
C ASN A 537 -23.54 0.23 -8.80
N TYR A 538 -22.47 -0.49 -9.15
CA TYR A 538 -22.07 -0.76 -10.50
C TYR A 538 -21.61 0.48 -11.27
N PRO A 539 -20.46 1.05 -10.87
CA PRO A 539 -19.90 2.13 -11.67
C PRO A 539 -19.57 1.68 -13.08
N LEU A 540 -19.86 2.47 -14.09
CA LEU A 540 -19.62 2.00 -15.47
C LEU A 540 -18.13 1.83 -15.79
N LEU A 541 -17.27 2.67 -15.19
CA LEU A 541 -15.84 2.53 -15.39
C LEU A 541 -15.20 1.45 -14.49
N GLY A 542 -16.00 0.73 -13.73
CA GLY A 542 -15.42 -0.24 -12.82
C GLY A 542 -14.78 0.54 -11.68
N GLY A 543 -13.58 0.09 -11.33
CA GLY A 543 -12.82 0.64 -10.25
C GLY A 543 -12.07 -0.46 -9.56
N TYR A 544 -10.83 -0.17 -9.20
CA TYR A 544 -9.96 -1.23 -8.71
C TYR A 544 -10.56 -1.90 -7.48
N SER A 545 -10.50 -3.25 -7.49
CA SER A 545 -10.83 -4.08 -6.36
C SER A 545 -9.64 -4.94 -5.99
N MET A 546 -9.07 -4.65 -4.84
CA MET A 546 -7.86 -5.31 -4.35
C MET A 546 -8.19 -6.40 -3.35
N LYS A 547 -7.64 -7.57 -3.63
CA LYS A 547 -7.61 -8.69 -2.69
C LYS A 547 -6.15 -9.11 -2.53
N ASP A 548 -5.87 -10.14 -1.72
CA ASP A 548 -4.52 -10.49 -1.37
C ASP A 548 -4.41 -11.99 -1.12
N PHE A 549 -3.20 -12.53 -1.24
CA PHE A 549 -3.00 -13.93 -0.81
C PHE A 549 -1.72 -14.17 -0.04
N GLU A 550 -0.92 -13.13 0.23
CA GLU A 550 0.38 -13.28 0.91
C GLU A 550 0.38 -12.63 2.28
N GLY A 551 -0.73 -12.77 3.00
CA GLY A 551 -0.71 -12.66 4.45
C GLY A 551 -1.32 -11.44 5.08
N TRP A 552 -1.59 -10.41 4.28
CA TRP A 552 -2.19 -9.17 4.81
C TRP A 552 -3.55 -9.48 5.33
N GLN A 553 -3.79 -9.10 6.59
CA GLN A 553 -5.06 -9.36 7.30
C GLN A 553 -5.43 -10.86 7.15
N GLY A 554 -4.41 -11.67 7.20
CA GLY A 554 -4.56 -13.13 7.16
C GLY A 554 -4.92 -13.69 5.84
N ARG A 555 -4.94 -12.89 4.78
CA ARG A 555 -5.44 -13.33 3.49
C ARG A 555 -4.52 -14.31 2.80
N SER A 556 -5.09 -15.40 2.28
CA SER A 556 -4.37 -16.51 1.67
C SER A 556 -5.07 -17.11 0.45
N ASP A 557 -6.16 -16.51 -0.03
CA ASP A 557 -6.98 -17.16 -1.05
C ASP A 557 -6.46 -16.81 -2.42
N TYR A 558 -5.54 -17.63 -2.92
CA TYR A 558 -4.96 -17.46 -4.21
C TYR A 558 -6.00 -17.50 -5.35
N ASN A 559 -6.87 -18.53 -5.34
CA ASN A 559 -7.81 -18.67 -6.48
C ASN A 559 -8.79 -17.52 -6.49
N GLY A 560 -9.26 -17.11 -5.34
CA GLY A 560 -10.20 -15.99 -5.28
C GLY A 560 -9.55 -14.68 -5.65
N TYR A 561 -8.27 -14.56 -5.37
CA TYR A 561 -7.49 -13.40 -5.80
C TYR A 561 -7.56 -13.29 -7.33
N VAL A 562 -7.25 -14.37 -8.02
CA VAL A 562 -7.24 -14.37 -9.47
C VAL A 562 -8.62 -14.16 -10.07
N THR A 563 -9.63 -14.83 -9.55
CA THR A 563 -11.00 -14.65 -10.03
CA THR A 563 -10.96 -14.61 -10.12
C THR A 563 -11.38 -13.16 -9.92
N ASN A 564 -11.06 -12.55 -8.79
CA ASN A 564 -11.36 -11.13 -8.60
C ASN A 564 -10.64 -10.20 -9.57
N LEU A 565 -9.40 -10.53 -9.94
CA LEU A 565 -8.71 -9.74 -10.97
C LEU A 565 -9.55 -9.73 -12.24
N PHE A 566 -10.01 -10.89 -12.67
CA PHE A 566 -10.78 -10.94 -13.89
C PHE A 566 -12.18 -10.41 -13.75
N ALA A 567 -12.79 -10.52 -12.60
CA ALA A 567 -14.20 -10.08 -12.41
C ALA A 567 -14.29 -8.54 -12.39
N HIS A 568 -13.28 -7.85 -11.85
CA HIS A 568 -13.30 -6.38 -11.71
C HIS A 568 -12.16 -5.67 -12.38
N ASP A 569 -10.93 -6.18 -12.27
CA ASP A 569 -9.74 -5.39 -12.57
C ASP A 569 -9.32 -5.33 -14.04
N VAL A 570 -9.49 -6.43 -14.76
CA VAL A 570 -9.12 -6.44 -16.17
C VAL A 570 -9.88 -5.32 -16.93
N MET A 571 -11.20 -5.23 -16.75
CA MET A 571 -11.94 -4.17 -17.47
C MET A 571 -11.67 -2.77 -16.91
N THR A 572 -11.48 -2.68 -15.60
CA THR A 572 -11.11 -1.40 -14.98
C THR A 572 -9.85 -0.86 -15.68
N LYS A 573 -8.85 -1.74 -15.80
CA LYS A 573 -7.58 -1.38 -16.38
C LYS A 573 -7.66 -1.16 -17.88
N TYR A 574 -8.52 -1.95 -18.57
CA TYR A 574 -8.74 -1.74 -20.02
C TYR A 574 -9.15 -0.25 -20.21
N PHE A 575 -10.14 0.19 -19.44
CA PHE A 575 -10.57 1.58 -19.60
C PHE A 575 -9.47 2.62 -19.35
N GLN A 576 -8.54 2.31 -18.43
CA GLN A 576 -7.47 3.23 -18.16
C GLN A 576 -6.45 3.36 -19.26
N HIS A 577 -6.57 2.53 -20.32
CA HIS A 577 -5.77 2.71 -21.53
C HIS A 577 -6.33 3.72 -22.49
N PHE A 578 -7.40 4.40 -22.06
CA PHE A 578 -8.09 5.43 -22.86
C PHE A 578 -8.36 6.61 -21.91
N THR A 579 -8.67 7.75 -22.49
CA THR A 579 -9.11 8.90 -21.71
C THR A 579 -10.61 9.14 -21.92
N VAL A 580 -11.32 9.51 -20.86
CA VAL A 580 -12.73 9.79 -20.96
C VAL A 580 -12.97 10.99 -21.86
N SER A 581 -13.94 10.84 -22.76
CA SER A 581 -14.33 11.90 -23.70
C SER A 581 -15.73 12.42 -23.54
N LYS A 582 -16.64 11.63 -23.03
CA LYS A 582 -18.03 12.01 -22.84
C LYS A 582 -18.63 11.29 -21.67
N TRP A 583 -19.52 11.92 -20.93
CA TRP A 583 -20.12 11.37 -19.76
C TRP A 583 -21.56 11.81 -19.74
N GLU A 584 -22.49 10.86 -19.75
CA GLU A 584 -23.93 11.14 -19.76
C GLU A 584 -24.59 10.53 -18.56
N ASN A 585 -25.26 11.35 -17.74
CA ASN A 585 -26.05 10.89 -16.61
C ASN A 585 -27.50 10.62 -17.01
N GLY A 586 -28.14 9.76 -16.25
CA GLY A 586 -29.54 9.43 -16.43
C GLY A 586 -30.45 10.15 -15.48
N THR A 587 -31.61 9.58 -15.29
CA THR A 587 -32.60 10.15 -14.38
C THR A 587 -32.32 9.66 -12.98
N PRO A 588 -32.66 10.47 -11.99
CA PRO A 588 -32.41 10.06 -10.63
C PRO A 588 -33.15 8.81 -10.27
N VAL A 589 -32.52 8.03 -9.39
CA VAL A 589 -33.08 6.81 -8.85
C VAL A 589 -33.16 6.94 -7.35
N THR A 590 -34.01 6.12 -6.72
CA THR A 590 -34.11 6.06 -5.29
C THR A 590 -33.52 4.75 -4.78
N MET A 591 -32.62 4.87 -3.80
CA MET A 591 -31.96 3.76 -3.18
CA MET A 591 -31.99 3.72 -3.18
C MET A 591 -32.16 3.79 -1.67
N THR A 592 -32.12 2.63 -1.02
CA THR A 592 -32.19 2.50 0.42
C THR A 592 -31.09 1.54 0.85
N ASP A 593 -30.16 2.08 1.64
CA ASP A 593 -29.07 1.27 2.22
C ASP A 593 -28.40 2.09 3.27
N ASN A 594 -27.71 1.43 4.18
CA ASN A 594 -26.94 2.12 5.22
C ASN A 594 -27.71 3.12 6.07
N GLY A 595 -28.99 2.75 6.26
CA GLY A 595 -29.86 3.52 7.14
C GLY A 595 -30.50 4.75 6.54
N SER A 596 -30.42 4.95 5.21
CA SER A 596 -31.19 6.01 4.63
CA SER A 596 -30.96 6.10 4.52
C SER A 596 -31.74 5.67 3.28
N THR A 597 -32.76 6.43 2.91
CA THR A 597 -33.37 6.37 1.60
C THR A 597 -33.02 7.70 0.94
N TYR A 598 -32.47 7.65 -0.28
CA TYR A 598 -31.84 8.81 -0.88
C TYR A 598 -31.96 8.74 -2.39
N LYS A 599 -31.77 9.88 -3.03
CA LYS A 599 -31.72 10.00 -4.48
C LYS A 599 -30.27 9.97 -4.97
N TRP A 600 -30.09 9.34 -6.14
CA TRP A 600 -28.76 9.24 -6.75
C TRP A 600 -28.94 9.35 -8.24
N THR A 601 -28.09 10.14 -8.94
CA THR A 601 -28.14 10.28 -10.38
C THR A 601 -27.00 9.51 -11.00
N PRO A 602 -27.29 8.41 -11.69
CA PRO A 602 -26.22 7.57 -12.20
C PRO A 602 -25.72 7.93 -13.55
N GLU A 603 -24.45 7.63 -13.80
CA GLU A 603 -23.92 7.69 -15.14
C GLU A 603 -24.56 6.54 -15.94
N MET A 604 -25.00 6.86 -17.13
CA MET A 604 -25.59 5.90 -18.10
C MET A 604 -24.77 5.59 -19.30
N ARG A 605 -23.90 6.49 -19.71
CA ARG A 605 -23.05 6.22 -20.86
CA ARG A 605 -23.03 6.20 -20.81
C ARG A 605 -21.75 6.99 -20.69
N VAL A 606 -20.64 6.32 -20.83
CA VAL A 606 -19.32 6.94 -20.78
C VAL A 606 -18.57 6.56 -22.04
N GLU A 607 -18.04 7.53 -22.76
CA GLU A 607 -17.19 7.26 -23.91
C GLU A 607 -15.74 7.59 -23.59
N LEU A 608 -14.82 6.84 -24.19
CA LEU A 608 -13.40 7.03 -24.09
C LEU A 608 -12.71 6.91 -25.41
N VAL A 609 -11.56 7.52 -25.52
CA VAL A 609 -10.79 7.54 -26.77
C VAL A 609 -9.30 7.36 -26.50
N ASP A 610 -8.51 6.98 -27.50
CA ASP A 610 -7.05 6.98 -27.39
C ASP A 610 -6.45 7.76 -28.55
N ALA A 611 -5.12 7.80 -28.58
CA ALA A 611 -4.41 8.62 -29.58
C ALA A 611 -4.47 8.02 -30.96
N ASP A 612 -4.93 6.77 -31.07
CA ASP A 612 -5.14 6.09 -32.38
C ASP A 612 -6.57 6.26 -32.89
N ASN A 613 -7.35 7.08 -32.18
CA ASN A 613 -8.79 7.30 -32.40
C ASN A 613 -9.65 6.04 -32.29
N ASN A 614 -9.24 5.08 -31.45
CA ASN A 614 -10.16 4.07 -31.02
C ASN A 614 -11.21 4.71 -30.10
N LYS A 615 -12.41 4.21 -30.16
CA LYS A 615 -13.52 4.74 -29.42
C LYS A 615 -14.16 3.62 -28.64
N VAL A 616 -14.21 3.80 -27.33
CA VAL A 616 -14.85 2.86 -26.44
C VAL A 616 -16.13 3.49 -25.88
N VAL A 617 -17.26 2.79 -25.94
CA VAL A 617 -18.54 3.26 -25.42
C VAL A 617 -19.03 2.26 -24.41
N VAL A 618 -19.28 2.74 -23.20
CA VAL A 618 -19.76 1.96 -22.08
C VAL A 618 -21.15 2.43 -21.73
N THR A 619 -22.15 1.55 -21.78
CA THR A 619 -23.54 1.94 -21.56
C THR A 619 -24.17 1.05 -20.50
N ARG A 620 -24.79 1.63 -19.48
CA ARG A 620 -25.57 0.89 -18.53
C ARG A 620 -26.82 0.36 -19.23
N LYS A 621 -27.15 -0.90 -18.95
CA LYS A 621 -28.23 -1.50 -19.74
C LYS A 621 -29.60 -1.00 -19.35
N SER A 622 -29.81 -0.53 -18.12
CA SER A 622 -31.02 0.16 -17.76
C SER A 622 -30.78 1.19 -16.66
N ASN A 623 -31.58 2.24 -16.65
CA ASN A 623 -31.63 3.23 -15.58
C ASN A 623 -32.53 2.80 -14.42
N ASP A 624 -33.29 1.69 -14.57
CA ASP A 624 -34.15 1.24 -13.51
C ASP A 624 -33.33 0.53 -12.44
N VAL A 625 -33.22 1.14 -11.26
CA VAL A 625 -32.33 0.66 -10.22
C VAL A 625 -32.78 -0.67 -9.65
N ASN A 626 -34.07 -1.04 -9.89
CA ASN A 626 -34.58 -2.28 -9.39
C ASN A 626 -34.55 -3.40 -10.43
N SER A 627 -33.96 -3.15 -11.60
CA SER A 627 -33.81 -4.13 -12.65
C SER A 627 -32.40 -4.71 -12.57
N PRO A 628 -32.22 -6.00 -12.89
CA PRO A 628 -30.87 -6.54 -13.01
C PRO A 628 -30.00 -5.82 -14.01
N GLN A 629 -30.59 -5.14 -15.00
CA GLN A 629 -29.84 -4.49 -16.04
C GLN A 629 -29.18 -3.19 -15.56
N TYR A 630 -29.58 -2.70 -14.40
CA TYR A 630 -28.91 -1.52 -13.80
C TYR A 630 -27.45 -1.89 -13.51
N ARG A 631 -27.22 -3.14 -13.14
CA ARG A 631 -25.87 -3.64 -12.79
C ARG A 631 -25.23 -4.41 -13.95
N GLU A 632 -25.57 -4.04 -15.18
CA GLU A 632 -24.97 -4.60 -16.37
C GLU A 632 -24.56 -3.47 -17.30
N ARG A 633 -23.56 -3.68 -18.11
CA ARG A 633 -23.15 -2.75 -19.12
C ARG A 633 -22.87 -3.47 -20.44
N THR A 634 -22.97 -2.72 -21.52
CA THR A 634 -22.34 -3.08 -22.77
C THR A 634 -21.10 -2.24 -22.94
N VAL A 635 -20.07 -2.80 -23.56
CA VAL A 635 -18.88 -2.10 -23.96
C VAL A 635 -18.65 -2.37 -25.40
N THR A 636 -18.52 -1.34 -26.19
CA THR A 636 -18.11 -1.50 -27.57
C THR A 636 -16.74 -0.87 -27.83
N LEU A 637 -15.97 -1.43 -28.75
CA LEU A 637 -14.72 -0.90 -29.25
C LEU A 637 -14.90 -0.67 -30.75
N ASN A 638 -14.86 0.59 -31.15
CA ASN A 638 -15.18 0.93 -32.55
C ASN A 638 -16.45 0.24 -33.04
N GLY A 639 -17.45 0.17 -32.19
CA GLY A 639 -18.77 -0.36 -32.45
C GLY A 639 -18.96 -1.86 -32.27
N ARG A 640 -17.86 -2.55 -32.01
CA ARG A 640 -17.86 -4.02 -31.85
C ARG A 640 -18.02 -4.34 -30.37
N VAL A 641 -18.96 -5.20 -30.05
CA VAL A 641 -19.28 -5.52 -28.66
C VAL A 641 -18.18 -6.40 -28.06
N ILE A 642 -17.59 -5.93 -26.94
CA ILE A 642 -16.56 -6.66 -26.19
C ILE A 642 -16.98 -6.99 -24.78
N GLN A 643 -18.07 -6.45 -24.26
CA GLN A 643 -18.69 -6.84 -23.04
C GLN A 643 -20.20 -6.70 -23.14
N ASP A 644 -20.94 -7.64 -22.58
CA ASP A 644 -22.37 -7.55 -22.45
C ASP A 644 -22.77 -8.29 -21.22
N GLY A 645 -23.07 -7.56 -20.16
CA GLY A 645 -23.50 -8.14 -18.92
C GLY A 645 -22.40 -8.95 -18.22
N SER A 646 -22.69 -10.21 -17.93
CA SER A 646 -21.79 -11.08 -17.16
C SER A 646 -20.54 -11.49 -17.88
N ALA A 647 -20.44 -11.29 -19.19
CA ALA A 647 -19.34 -11.79 -19.99
C ALA A 647 -18.61 -10.73 -20.79
N TYR A 648 -17.32 -10.89 -20.94
CA TYR A 648 -16.53 -10.11 -21.83
C TYR A 648 -15.57 -10.96 -22.64
N LEU A 649 -15.30 -10.47 -23.84
CA LEU A 649 -14.25 -10.94 -24.70
C LEU A 649 -13.47 -9.72 -25.14
N THR A 650 -12.38 -9.44 -24.41
CA THR A 650 -11.71 -8.13 -24.52
C THR A 650 -10.36 -8.25 -25.12
N PRO A 651 -10.02 -7.39 -26.10
CA PRO A 651 -8.69 -7.41 -26.62
C PRO A 651 -7.69 -6.97 -25.55
N TRP A 652 -6.44 -7.39 -25.65
CA TRP A 652 -5.38 -6.87 -24.82
C TRP A 652 -4.16 -6.79 -25.69
N ASN A 653 -3.69 -5.59 -25.96
CA ASN A 653 -2.61 -5.37 -26.89
C ASN A 653 -1.34 -4.84 -26.31
N TRP A 654 -1.16 -5.12 -25.00
CA TRP A 654 -0.06 -4.58 -24.21
C TRP A 654 0.60 -5.70 -23.43
N ASP A 655 1.92 -5.64 -23.34
CA ASP A 655 2.66 -6.59 -22.52
C ASP A 655 2.53 -6.22 -21.04
N ALA A 656 3.19 -6.99 -20.18
CA ALA A 656 3.02 -6.77 -18.73
C ALA A 656 3.52 -5.41 -18.32
N ASN A 657 4.43 -4.80 -19.08
CA ASN A 657 4.95 -3.44 -18.83
C ASN A 657 4.23 -2.35 -19.63
N GLY A 658 3.14 -2.71 -20.31
CA GLY A 658 2.37 -1.77 -21.06
C GLY A 658 2.84 -1.50 -22.48
N LYS A 659 3.89 -2.16 -22.93
CA LYS A 659 4.44 -1.91 -24.27
C LYS A 659 3.54 -2.59 -25.29
N LYS A 660 3.43 -2.00 -26.50
CA LYS A 660 2.61 -2.56 -27.55
CA LYS A 660 2.63 -2.55 -27.57
C LYS A 660 3.08 -3.95 -27.91
N LEU A 661 2.14 -4.89 -28.00
CA LEU A 661 2.49 -6.25 -28.39
C LEU A 661 2.75 -6.35 -29.90
N SER A 662 3.65 -7.26 -30.25
CA SER A 662 3.81 -7.62 -31.67
C SER A 662 2.49 -8.19 -32.14
N THR A 663 2.24 -8.10 -33.46
CA THR A 663 0.99 -8.62 -34.00
C THR A 663 0.70 -10.07 -33.59
N ASP A 664 1.68 -10.97 -33.62
CA ASP A 664 1.41 -12.38 -33.28
C ASP A 664 1.28 -12.67 -31.80
N LYS A 665 1.44 -11.62 -30.99
CA LYS A 665 1.23 -11.73 -29.55
C LYS A 665 -0.08 -11.04 -29.08
N GLU A 666 -0.82 -10.44 -30.00
CA GLU A 666 -2.12 -9.86 -29.69
C GLU A 666 -3.08 -10.99 -29.31
N LYS A 667 -3.93 -10.68 -28.33
CA LYS A 667 -4.76 -11.69 -27.69
C LYS A 667 -6.08 -11.07 -27.23
N MET A 668 -6.99 -11.93 -26.78
CA MET A 668 -8.23 -11.57 -26.13
C MET A 668 -8.41 -12.38 -24.89
N TYR A 669 -8.99 -11.78 -23.86
CA TYR A 669 -9.38 -12.50 -22.67
C TYR A 669 -10.86 -12.74 -22.66
N TYR A 670 -11.29 -13.93 -22.27
CA TYR A 670 -12.69 -14.23 -22.01
C TYR A 670 -12.90 -14.51 -20.54
N PHE A 671 -13.98 -13.99 -19.99
CA PHE A 671 -14.40 -14.27 -18.64
C PHE A 671 -15.89 -14.03 -18.53
N ASN A 672 -16.59 -14.95 -17.89
CA ASN A 672 -18.02 -14.90 -17.68
C ASN A 672 -18.33 -15.31 -16.30
N THR A 673 -18.98 -14.45 -15.54
CA THR A 673 -19.32 -14.78 -14.18
C THR A 673 -20.50 -15.74 -14.04
N GLN A 674 -21.13 -16.05 -15.17
CA GLN A 674 -22.23 -17.02 -15.20
CA GLN A 674 -22.24 -17.01 -15.23
C GLN A 674 -21.90 -18.11 -16.19
N ALA A 675 -22.63 -19.24 -16.08
CA ALA A 675 -22.61 -20.26 -17.08
C ALA A 675 -23.43 -19.78 -18.27
N GLY A 676 -23.11 -20.34 -19.42
CA GLY A 676 -23.88 -20.13 -20.63
C GLY A 676 -23.07 -19.78 -21.85
N ALA A 677 -23.59 -20.11 -23.02
CA ALA A 677 -22.95 -19.79 -24.29
C ALA A 677 -23.04 -18.30 -24.61
N THR A 678 -21.96 -17.74 -25.13
CA THR A 678 -21.96 -16.37 -25.63
C THR A 678 -21.36 -16.36 -27.00
N THR A 679 -21.83 -15.45 -27.87
CA THR A 679 -21.33 -15.28 -29.22
C THR A 679 -20.77 -13.88 -29.45
N TRP A 680 -19.66 -13.80 -30.15
CA TRP A 680 -18.87 -12.59 -30.34
C TRP A 680 -18.52 -12.43 -31.77
N THR A 681 -18.62 -11.20 -32.26
CA THR A 681 -18.08 -10.87 -33.56
C THR A 681 -16.62 -10.51 -33.46
N LEU A 682 -15.77 -11.17 -34.27
CA LEU A 682 -14.37 -10.90 -34.33
C LEU A 682 -14.08 -9.65 -35.10
N PRO A 683 -13.01 -8.93 -34.76
CA PRO A 683 -12.58 -7.85 -35.60
C PRO A 683 -12.07 -8.38 -36.94
N SER A 684 -11.98 -7.49 -37.92
CA SER A 684 -11.64 -7.91 -39.28
C SER A 684 -10.30 -8.60 -39.33
N ASP A 685 -9.36 -8.22 -38.46
CA ASP A 685 -8.02 -8.84 -38.44
C ASP A 685 -7.89 -10.18 -37.68
N TRP A 686 -9.01 -10.67 -37.15
CA TRP A 686 -9.17 -12.04 -36.65
C TRP A 686 -10.14 -12.88 -37.44
N ALA A 687 -11.06 -12.24 -38.18
CA ALA A 687 -12.23 -12.93 -38.74
C ALA A 687 -11.89 -14.07 -39.73
N LYS A 688 -10.76 -13.92 -40.40
CA LYS A 688 -10.30 -14.92 -41.37
C LYS A 688 -9.10 -15.76 -40.88
N SER A 689 -8.81 -15.64 -39.58
CA SER A 689 -7.66 -16.33 -39.01
C SER A 689 -8.11 -17.60 -38.30
N LYS A 690 -7.16 -18.53 -38.07
CA LYS A 690 -7.42 -19.56 -37.07
C LYS A 690 -7.41 -18.90 -35.70
N VAL A 691 -8.15 -19.50 -34.79
CA VAL A 691 -8.26 -18.98 -33.41
C VAL A 691 -8.10 -20.13 -32.45
N TYR A 692 -7.26 -19.93 -31.41
CA TYR A 692 -7.01 -20.95 -30.41
C TYR A 692 -7.37 -20.41 -29.05
N LEU A 693 -7.99 -21.26 -28.28
CA LEU A 693 -8.45 -20.96 -26.92
C LEU A 693 -7.62 -21.72 -25.90
N TYR A 694 -7.25 -21.04 -24.81
CA TYR A 694 -6.55 -21.65 -23.65
C TYR A 694 -7.26 -21.35 -22.37
N LYS A 695 -7.37 -22.33 -21.50
CA LYS A 695 -7.79 -22.17 -20.12
C LYS A 695 -6.57 -21.73 -19.28
N LEU A 696 -6.69 -20.58 -18.59
CA LEU A 696 -5.61 -20.07 -17.74
C LEU A 696 -5.72 -20.60 -16.33
N THR A 697 -4.64 -21.25 -15.91
CA THR A 697 -4.48 -21.72 -14.53
C THR A 697 -3.17 -21.28 -13.94
N ASP A 698 -2.88 -21.74 -12.70
CA ASP A 698 -1.57 -21.47 -12.11
C ASP A 698 -0.41 -22.14 -12.88
N GLN A 699 -0.74 -23.03 -13.84
CA GLN A 699 0.22 -23.60 -14.77
C GLN A 699 0.31 -22.92 -16.14
N GLY A 700 -0.38 -21.79 -16.27
CA GLY A 700 -0.40 -21.02 -17.51
C GLY A 700 -1.51 -21.44 -18.44
N LYS A 701 -1.17 -21.45 -19.73
CA LYS A 701 -2.12 -21.77 -20.79
C LYS A 701 -2.26 -23.28 -20.89
N THR A 702 -3.50 -23.78 -20.76
CA THR A 702 -3.79 -25.21 -20.75
C THR A 702 -4.99 -25.48 -21.67
N GLU A 703 -5.19 -26.76 -21.96
CA GLU A 703 -6.39 -27.23 -22.65
C GLU A 703 -6.62 -26.53 -23.99
N GLU A 704 -5.55 -26.42 -24.76
CA GLU A 704 -5.56 -25.84 -26.11
C GLU A 704 -6.71 -26.40 -26.93
N GLN A 705 -7.47 -25.51 -27.54
CA GLN A 705 -8.59 -25.90 -28.37
C GLN A 705 -8.69 -24.93 -29.54
N GLU A 706 -8.79 -25.45 -30.76
CA GLU A 706 -9.00 -24.60 -31.93
C GLU A 706 -10.51 -24.36 -32.04
N LEU A 707 -10.89 -23.09 -32.25
CA LEU A 707 -12.30 -22.73 -32.33
C LEU A 707 -12.78 -22.72 -33.79
N THR A 708 -14.05 -22.95 -33.94
CA THR A 708 -14.69 -22.84 -35.25
C THR A 708 -15.21 -21.42 -35.46
N VAL A 709 -14.72 -20.73 -36.49
CA VAL A 709 -15.19 -19.38 -36.80
C VAL A 709 -16.26 -19.52 -37.86
N LYS A 710 -17.46 -19.00 -37.60
CA LYS A 710 -18.57 -19.08 -38.55
C LYS A 710 -19.09 -17.68 -38.79
N ASP A 711 -18.97 -17.23 -40.03
CA ASP A 711 -19.48 -15.92 -40.45
C ASP A 711 -18.85 -14.82 -39.59
N GLY A 712 -17.56 -14.98 -39.33
CA GLY A 712 -16.82 -13.98 -38.61
C GLY A 712 -17.07 -13.96 -37.12
N LYS A 713 -17.79 -14.96 -36.59
CA LYS A 713 -18.18 -15.04 -35.17
C LYS A 713 -17.66 -16.32 -34.51
N ILE A 714 -17.52 -16.25 -33.18
CA ILE A 714 -17.22 -17.42 -32.36
C ILE A 714 -18.21 -17.52 -31.25
N THR A 715 -18.43 -18.73 -30.75
CA THR A 715 -19.30 -19.01 -29.69
C THR A 715 -18.53 -19.73 -28.61
N LEU A 716 -18.66 -19.24 -27.36
CA LEU A 716 -17.90 -19.75 -26.21
C LEU A 716 -18.87 -20.20 -25.15
N ASP A 717 -18.78 -21.47 -24.75
CA ASP A 717 -19.61 -22.03 -23.75
C ASP A 717 -18.71 -22.74 -22.75
N LEU A 718 -18.26 -22.00 -21.76
CA LEU A 718 -17.10 -22.33 -20.94
C LEU A 718 -17.47 -22.24 -19.44
N LEU A 719 -16.49 -22.59 -18.59
CA LEU A 719 -16.69 -22.53 -17.16
C LEU A 719 -16.88 -21.07 -16.67
N ALA A 720 -17.84 -20.87 -15.76
CA ALA A 720 -18.03 -19.60 -15.10
C ALA A 720 -16.85 -19.31 -14.19
N ASN A 721 -16.59 -18.02 -14.03
CA ASN A 721 -15.53 -17.57 -13.10
C ASN A 721 -14.17 -18.19 -13.37
N GLN A 722 -13.86 -18.35 -14.65
CA GLN A 722 -12.62 -18.95 -15.12
C GLN A 722 -12.02 -18.17 -16.25
N PRO A 723 -10.79 -17.68 -16.10
CA PRO A 723 -10.21 -16.96 -17.21
C PRO A 723 -9.77 -17.86 -18.36
N TYR A 724 -9.92 -17.36 -19.57
CA TYR A 724 -9.41 -17.92 -20.79
C TYR A 724 -8.73 -16.87 -21.61
N VAL A 725 -7.82 -17.27 -22.48
CA VAL A 725 -7.17 -16.38 -23.39
C VAL A 725 -7.16 -16.98 -24.82
N LEU A 726 -7.28 -16.11 -25.80
CA LEU A 726 -7.42 -16.50 -27.22
C LEU A 726 -6.29 -15.86 -27.98
N TYR A 727 -5.75 -16.59 -28.97
CA TYR A 727 -4.70 -16.14 -29.86
C TYR A 727 -5.01 -16.66 -31.29
N ARG A 728 -4.34 -16.07 -32.25
CA ARG A 728 -4.47 -16.47 -33.68
C ARG A 728 -3.47 -17.54 -34.08
N SER A 729 -2.62 -17.97 -33.16
CA SER A 729 -1.60 -19.00 -33.41
C SER A 729 -1.32 -19.72 -32.12
N LYS A 730 -0.83 -20.95 -32.21
CA LYS A 730 -0.55 -21.79 -31.06
C LYS A 730 0.56 -21.18 -30.17
N GLN A 731 0.29 -21.27 -28.86
CA GLN A 731 1.19 -20.66 -27.87
C GLN A 731 1.68 -21.75 -26.92
N THR A 732 2.82 -21.48 -26.30
CA THR A 732 3.37 -22.37 -25.27
C THR A 732 3.63 -21.58 -23.97
N ASN A 733 4.00 -22.30 -22.90
CA ASN A 733 4.31 -21.68 -21.63
C ASN A 733 5.83 -21.71 -21.44
N PRO A 734 6.40 -20.60 -20.98
CA PRO A 734 7.86 -20.52 -20.84
C PRO A 734 8.38 -21.14 -19.54
N GLU A 735 9.66 -21.44 -19.54
CA GLU A 735 10.39 -21.79 -18.32
C GLU A 735 10.36 -20.61 -17.35
N MET A 736 10.01 -20.90 -16.10
CA MET A 736 9.88 -19.86 -15.10
C MET A 736 11.07 -19.71 -14.13
N SER A 737 12.03 -20.61 -14.16
CA SER A 737 13.16 -20.56 -13.24
C SER A 737 12.66 -20.41 -11.80
N TRP A 738 11.78 -21.30 -11.40
CA TRP A 738 11.18 -21.23 -10.09
C TRP A 738 12.22 -21.23 -8.99
N SER A 739 12.05 -20.27 -8.09
CA SER A 739 12.86 -20.09 -6.89
C SER A 739 14.29 -19.69 -7.21
N GLU A 740 14.50 -19.04 -8.36
CA GLU A 740 15.82 -18.57 -8.66
C GLU A 740 16.41 -17.68 -7.56
N GLY A 741 17.68 -17.88 -7.26
CA GLY A 741 18.36 -17.22 -6.21
C GLY A 741 18.22 -17.86 -4.85
N MET A 742 17.32 -18.82 -4.72
CA MET A 742 17.05 -19.48 -3.43
C MET A 742 17.83 -20.76 -3.23
N HIS A 743 18.70 -21.09 -4.17
CA HIS A 743 19.62 -22.26 -4.06
C HIS A 743 18.97 -23.58 -4.32
N ILE A 744 17.70 -23.63 -4.67
CA ILE A 744 16.96 -24.86 -4.93
C ILE A 744 15.89 -24.54 -5.98
N TYR A 745 15.47 -25.52 -6.73
CA TYR A 745 14.44 -25.31 -7.77
C TYR A 745 13.05 -25.60 -7.21
N ASP A 746 12.16 -24.63 -7.33
CA ASP A 746 10.75 -24.76 -7.02
C ASP A 746 10.48 -25.20 -5.56
N GLN A 747 10.89 -24.35 -4.64
CA GLN A 747 10.67 -24.85 -3.27
C GLN A 747 9.32 -24.61 -2.69
N GLY A 748 8.40 -24.06 -3.47
CA GLY A 748 7.01 -23.95 -3.09
C GLY A 748 6.10 -24.89 -3.86
N PHE A 749 6.67 -25.80 -4.65
CA PHE A 749 5.90 -26.86 -5.34
C PHE A 749 4.85 -26.30 -6.29
N ASN A 750 5.25 -25.26 -7.04
CA ASN A 750 4.43 -24.53 -8.00
C ASN A 750 4.54 -24.92 -9.43
N SER A 751 5.51 -25.77 -9.76
CA SER A 751 5.80 -26.09 -11.17
C SER A 751 5.03 -27.32 -11.72
N GLY A 752 4.20 -27.94 -10.94
CA GLY A 752 3.41 -29.08 -11.45
C GLY A 752 4.16 -30.39 -11.65
N THR A 753 5.38 -30.48 -11.15
CA THR A 753 6.22 -31.67 -11.37
C THR A 753 7.20 -31.80 -10.20
N LEU A 754 7.63 -33.05 -9.96
CA LEU A 754 8.73 -33.33 -9.06
C LEU A 754 9.95 -33.84 -9.82
N LYS A 755 10.01 -33.69 -11.15
CA LYS A 755 11.03 -34.41 -11.95
C LYS A 755 12.43 -33.88 -11.67
N HIS A 756 12.56 -32.67 -11.15
CA HIS A 756 13.87 -32.12 -10.80
C HIS A 756 14.44 -32.59 -9.48
N TRP A 757 13.65 -33.36 -8.72
CA TRP A 757 14.14 -34.04 -7.54
C TRP A 757 14.62 -35.44 -7.90
N THR A 758 15.69 -35.85 -7.30
CA THR A 758 16.10 -37.26 -7.38
C THR A 758 15.43 -38.04 -6.29
N ILE A 759 14.57 -39.00 -6.65
CA ILE A 759 13.77 -39.70 -5.70
C ILE A 759 14.35 -41.09 -5.43
N SER A 760 14.58 -41.37 -4.16
CA SER A 760 15.10 -42.68 -3.73
CA SER A 760 15.09 -42.66 -3.72
C SER A 760 13.96 -43.37 -3.02
N GLY A 761 13.69 -44.60 -3.41
CA GLY A 761 12.54 -45.34 -2.91
C GLY A 761 11.40 -45.32 -3.91
N ASP A 762 10.21 -45.67 -3.42
CA ASP A 762 9.04 -45.81 -4.24
C ASP A 762 8.45 -44.42 -4.56
N ALA A 763 8.68 -43.97 -5.78
CA ALA A 763 8.32 -42.62 -6.22
C ALA A 763 6.83 -42.41 -6.20
N SER A 764 6.03 -43.48 -6.23
CA SER A 764 4.56 -43.34 -6.23
C SER A 764 4.04 -42.84 -4.89
N LYS A 765 4.89 -42.87 -3.87
CA LYS A 765 4.52 -42.48 -2.53
C LYS A 765 4.71 -40.97 -2.25
N ALA A 766 5.28 -40.27 -3.23
CA ALA A 766 5.50 -38.82 -3.18
C ALA A 766 4.71 -38.16 -4.29
N GLU A 767 3.93 -37.15 -3.91
CA GLU A 767 3.21 -36.38 -4.90
C GLU A 767 2.90 -34.98 -4.40
N ILE A 768 2.60 -34.08 -5.33
CA ILE A 768 2.14 -32.74 -5.02
C ILE A 768 0.63 -32.80 -4.83
N VAL A 769 0.18 -32.27 -3.72
CA VAL A 769 -1.24 -32.22 -3.38
C VAL A 769 -1.62 -30.78 -3.04
N LYS A 770 -2.91 -30.50 -3.07
CA LYS A 770 -3.42 -29.22 -2.58
C LYS A 770 -4.00 -29.32 -1.19
N SER A 771 -3.66 -28.32 -0.36
CA SER A 771 -4.24 -28.20 0.97
C SER A 771 -5.73 -27.82 0.88
N GLN A 772 -6.38 -27.68 2.03
CA GLN A 772 -7.78 -27.23 2.05
C GLN A 772 -7.89 -25.81 1.59
N GLY A 773 -6.80 -25.05 1.63
CA GLY A 773 -6.66 -23.75 1.03
C GLY A 773 -6.15 -23.68 -0.39
N ALA A 774 -6.08 -24.84 -1.09
CA ALA A 774 -5.56 -24.90 -2.49
C ALA A 774 -4.07 -24.55 -2.65
N ASN A 775 -3.33 -24.68 -1.54
CA ASN A 775 -1.92 -24.40 -1.54
C ASN A 775 -1.17 -25.72 -1.79
N ASP A 776 -0.27 -25.72 -2.74
CA ASP A 776 0.48 -26.93 -3.13
C ASP A 776 1.48 -27.33 -2.08
N MET A 777 1.55 -28.64 -1.82
CA MET A 777 2.47 -29.20 -0.83
C MET A 777 3.01 -30.52 -1.39
N LEU A 778 4.22 -30.85 -0.98
CA LEU A 778 4.74 -32.24 -1.18
C LEU A 778 4.15 -33.12 -0.10
N ARG A 779 3.55 -34.25 -0.51
CA ARG A 779 3.01 -35.23 0.45
C ARG A 779 3.73 -36.56 0.25
N ILE A 780 4.20 -37.14 1.35
CA ILE A 780 4.69 -38.55 1.34
C ILE A 780 3.77 -39.30 2.28
N GLN A 781 3.19 -40.43 1.81
CA GLN A 781 2.35 -41.26 2.66
C GLN A 781 2.31 -42.72 2.16
N GLY A 782 1.96 -43.64 3.05
CA GLY A 782 1.63 -45.02 2.60
C GLY A 782 2.83 -45.83 2.23
N ASN A 783 4.01 -45.41 2.67
CA ASN A 783 5.27 -46.04 2.30
C ASN A 783 5.72 -47.04 3.32
N LYS A 784 6.11 -48.24 2.85
CA LYS A 784 6.65 -49.26 3.74
C LYS A 784 8.18 -49.26 3.86
N GLU A 785 8.87 -48.49 3.01
CA GLU A 785 10.30 -48.24 3.13
C GLU A 785 10.53 -46.73 2.99
N LYS A 786 11.71 -46.28 3.35
CA LYS A 786 12.06 -44.87 3.27
C LYS A 786 11.85 -44.36 1.86
N VAL A 787 11.37 -43.12 1.78
CA VAL A 787 11.25 -42.37 0.53
C VAL A 787 11.99 -41.06 0.75
N SER A 788 12.87 -40.70 -0.18
CA SER A 788 13.54 -39.43 -0.06
CA SER A 788 13.69 -39.48 -0.08
C SER A 788 13.63 -38.73 -1.39
N LEU A 789 13.72 -37.40 -1.30
CA LEU A 789 13.82 -36.54 -2.45
C LEU A 789 15.00 -35.60 -2.26
N THR A 790 15.89 -35.55 -3.25
CA THR A 790 17.11 -34.80 -3.14
C THR A 790 17.27 -33.82 -4.30
N GLN A 791 17.78 -32.63 -3.98
CA GLN A 791 18.32 -31.72 -5.00
C GLN A 791 19.68 -31.22 -4.51
N LYS A 792 20.54 -30.80 -5.44
CA LYS A 792 21.67 -29.98 -5.09
C LYS A 792 21.20 -28.59 -4.63
N LEU A 793 21.90 -28.06 -3.64
CA LEU A 793 21.81 -26.65 -3.28
C LEU A 793 22.83 -25.94 -4.13
N THR A 794 22.37 -25.01 -4.95
CA THR A 794 23.18 -24.40 -5.98
C THR A 794 23.49 -22.95 -5.65
N GLY A 795 24.57 -22.44 -6.19
CA GLY A 795 24.92 -21.05 -6.02
C GLY A 795 25.32 -20.62 -4.62
N LEU A 796 25.78 -21.54 -3.79
CA LEU A 796 26.22 -21.19 -2.48
C LEU A 796 27.62 -20.58 -2.49
N LYS A 797 27.99 -19.93 -1.40
CA LYS A 797 29.34 -19.35 -1.24
C LYS A 797 30.18 -20.37 -0.48
N PRO A 798 31.43 -20.58 -0.87
CA PRO A 798 32.32 -21.39 -0.05
C PRO A 798 32.58 -20.79 1.34
N ASN A 799 32.92 -21.69 2.28
CA ASN A 799 33.30 -21.29 3.62
C ASN A 799 32.33 -20.35 4.31
N THR A 800 31.06 -20.70 4.22
CA THR A 800 29.97 -19.83 4.66
C THR A 800 28.97 -20.58 5.52
N LYS A 801 28.52 -19.95 6.61
CA LYS A 801 27.53 -20.49 7.52
C LYS A 801 26.11 -20.24 7.00
N TYR A 802 25.32 -21.30 6.98
CA TYR A 802 23.97 -21.28 6.45
C TYR A 802 22.96 -21.85 7.42
N ALA A 803 21.72 -21.44 7.26
CA ALA A 803 20.55 -22.13 7.81
C ALA A 803 19.75 -22.63 6.63
N VAL A 804 19.01 -23.73 6.80
CA VAL A 804 17.96 -24.13 5.86
C VAL A 804 16.81 -24.63 6.67
N TYR A 805 15.62 -24.25 6.28
CA TYR A 805 14.41 -24.89 6.83
C TYR A 805 13.52 -25.41 5.77
N VAL A 806 12.67 -26.37 6.14
CA VAL A 806 11.50 -26.77 5.39
C VAL A 806 10.28 -26.59 6.28
N GLY A 807 9.17 -26.08 5.74
CA GLY A 807 7.89 -26.17 6.48
C GLY A 807 7.42 -27.61 6.49
N VAL A 808 7.09 -28.12 7.66
CA VAL A 808 6.63 -29.49 7.76
C VAL A 808 5.43 -29.61 8.70
N ASP A 809 4.49 -30.43 8.26
CA ASP A 809 3.28 -30.82 9.04
C ASP A 809 3.23 -32.37 8.89
N ASN A 810 3.63 -33.03 9.98
CA ASN A 810 3.71 -34.49 9.98
C ASN A 810 2.55 -35.10 10.76
N ARG A 811 1.68 -35.80 10.02
CA ARG A 811 0.55 -36.51 10.64
C ARG A 811 0.88 -37.93 10.96
N SER A 812 2.07 -38.38 10.60
CA SER A 812 2.56 -39.74 10.91
C SER A 812 3.46 -39.71 12.11
N ASN A 813 3.56 -40.84 12.84
CA ASN A 813 4.59 -41.02 13.82
C ASN A 813 5.99 -41.27 13.23
N ALA A 814 6.03 -41.60 11.94
CA ALA A 814 7.28 -41.86 11.22
C ALA A 814 8.19 -40.64 11.21
N LYS A 815 9.49 -40.87 11.24
CA LYS A 815 10.47 -39.76 11.13
CA LYS A 815 10.48 -39.80 11.14
C LYS A 815 10.42 -39.13 9.76
N ALA A 816 10.21 -37.80 9.76
CA ALA A 816 10.30 -36.93 8.57
C ALA A 816 11.48 -36.03 8.79
N SER A 817 12.41 -36.04 7.84
CA SER A 817 13.69 -35.38 8.01
C SER A 817 14.09 -34.42 6.90
N ILE A 818 14.94 -33.51 7.33
CA ILE A 818 15.73 -32.64 6.43
C ILE A 818 17.19 -32.89 6.69
N THR A 819 17.93 -33.17 5.60
CA THR A 819 19.33 -33.57 5.70
C THR A 819 20.15 -32.77 4.69
N VAL A 820 21.26 -32.20 5.11
CA VAL A 820 22.17 -31.50 4.24
C VAL A 820 23.51 -32.22 4.26
N ASN A 821 24.02 -32.53 3.09
CA ASN A 821 25.40 -33.04 2.95
C ASN A 821 26.21 -32.04 2.16
N THR A 822 27.25 -31.47 2.80
CA THR A 822 28.02 -30.43 2.18
C THR A 822 29.12 -30.94 1.26
N GLY A 823 29.29 -32.26 1.23
CA GLY A 823 30.44 -32.89 0.60
C GLY A 823 31.46 -33.36 1.62
N GLU A 824 31.55 -32.66 2.75
CA GLU A 824 32.53 -33.05 3.78
CA GLU A 824 32.53 -32.93 3.79
C GLU A 824 31.86 -33.34 5.10
N LYS A 825 30.56 -33.10 5.24
CA LYS A 825 29.84 -33.28 6.50
C LYS A 825 28.37 -33.46 6.21
N GLU A 826 27.65 -34.21 7.04
CA GLU A 826 26.22 -34.35 6.90
C GLU A 826 25.55 -33.98 8.21
N VAL A 827 24.48 -33.21 8.13
CA VAL A 827 23.66 -32.82 9.31
C VAL A 827 22.21 -33.17 9.00
N THR A 828 21.44 -33.54 10.03
CA THR A 828 20.08 -33.92 9.87
C THR A 828 19.23 -33.53 11.10
N THR A 829 17.97 -33.22 10.81
CA THR A 829 16.94 -32.87 11.80
C THR A 829 15.68 -33.62 11.40
N TYR A 830 14.87 -34.04 12.38
CA TYR A 830 13.66 -34.71 12.07
C TYR A 830 12.54 -34.33 13.01
N THR A 831 11.33 -34.71 12.57
CA THR A 831 10.14 -34.68 13.42
C THR A 831 9.40 -36.00 13.32
N ASN A 832 8.90 -36.46 14.48
CA ASN A 832 7.83 -37.44 14.46
C ASN A 832 6.52 -36.68 14.33
N LYS A 833 5.39 -37.16 14.83
CA LYS A 833 4.12 -36.47 14.60
C LYS A 833 4.18 -35.04 15.20
N SER A 834 3.77 -34.08 14.36
CA SER A 834 3.73 -32.71 14.76
C SER A 834 2.76 -32.49 15.91
N LEU A 835 3.12 -31.64 16.81
CA LEU A 835 2.29 -31.41 18.01
C LEU A 835 1.93 -29.97 18.31
N ALA A 836 2.34 -29.02 17.48
CA ALA A 836 1.99 -27.57 17.68
C ALA A 836 1.30 -26.99 16.45
N LEU A 837 0.04 -26.59 16.65
CA LEU A 837 -0.71 -25.89 15.62
C LEU A 837 -0.02 -24.57 15.27
N ASN A 838 -0.22 -24.13 14.04
CA ASN A 838 0.38 -22.89 13.58
C ASN A 838 -0.53 -21.67 13.73
N TYR A 839 -0.03 -20.71 14.52
CA TYR A 839 -0.83 -19.53 14.85
C TYR A 839 -0.39 -18.21 14.20
N VAL A 840 0.39 -18.28 13.15
CA VAL A 840 0.95 -17.05 12.55
C VAL A 840 0.03 -16.56 11.41
N LYS A 841 -0.64 -15.45 11.66
CA LYS A 841 -1.68 -14.98 10.77
C LYS A 841 -1.22 -14.68 9.35
N ALA A 842 -0.03 -14.07 9.25
CA ALA A 842 0.50 -13.67 7.94
C ALA A 842 1.19 -14.81 7.22
N TYR A 843 1.15 -16.02 7.77
CA TYR A 843 1.72 -17.24 7.17
C TYR A 843 0.63 -18.08 6.50
N ALA A 844 0.85 -18.55 5.27
CA ALA A 844 -0.18 -19.20 4.52
C ALA A 844 -0.61 -20.54 5.04
N HIS A 845 0.22 -21.17 5.89
CA HIS A 845 -0.14 -22.45 6.48
C HIS A 845 -0.44 -22.35 7.94
N ASN A 846 -1.07 -21.26 8.38
CA ASN A 846 -1.65 -21.25 9.70
C ASN A 846 -2.85 -22.21 9.80
N THR A 847 -3.37 -22.37 11.00
CA THR A 847 -4.39 -23.41 11.27
C THR A 847 -5.82 -22.92 11.05
N ARG A 848 -6.03 -21.71 10.56
CA ARG A 848 -7.39 -21.30 10.25
CA ARG A 848 -7.38 -21.26 10.14
C ARG A 848 -7.92 -22.29 9.20
N ARG A 849 -9.20 -22.66 9.36
CA ARG A 849 -9.72 -23.77 8.56
C ARG A 849 -9.52 -23.63 7.07
N ASN A 850 -9.68 -22.43 6.51
CA ASN A 850 -9.53 -22.20 5.10
CA ASN A 850 -9.54 -22.31 5.07
C ASN A 850 -8.10 -22.34 4.55
N ASN A 851 -7.15 -22.44 5.50
CA ASN A 851 -5.71 -22.68 5.30
C ASN A 851 -5.22 -24.02 5.66
N ALA A 852 -6.08 -24.82 6.21
CA ALA A 852 -5.73 -26.09 6.79
C ALA A 852 -5.01 -27.02 5.81
N THR A 853 -4.08 -27.77 6.37
CA THR A 853 -3.36 -28.80 5.62
C THR A 853 -4.34 -29.91 5.20
N VAL A 854 -4.99 -30.46 6.20
CA VAL A 854 -5.90 -31.63 6.11
C VAL A 854 -6.59 -31.73 7.44
N ASP A 855 -7.82 -32.27 7.45
CA ASP A 855 -8.61 -32.48 8.69
C ASP A 855 -8.82 -31.19 9.51
N ASP A 856 -8.92 -30.11 8.77
CA ASP A 856 -9.27 -28.77 9.26
C ASP A 856 -8.20 -28.07 10.11
N THR A 857 -6.99 -28.62 10.15
CA THR A 857 -5.94 -28.08 11.01
C THR A 857 -4.64 -27.94 10.19
N SER A 858 -3.72 -27.13 10.73
CA SER A 858 -2.33 -27.08 10.25
C SER A 858 -1.38 -27.06 11.41
N TYR A 859 -0.39 -27.97 11.34
CA TYR A 859 0.70 -28.04 12.30
C TYR A 859 2.03 -27.66 11.63
N PHE A 860 1.95 -26.94 10.50
CA PHE A 860 3.19 -26.52 9.86
C PHE A 860 4.07 -25.71 10.80
N GLN A 861 5.32 -26.10 10.87
CA GLN A 861 6.37 -25.38 11.58
C GLN A 861 7.69 -25.59 10.83
N ASN A 862 8.57 -24.59 10.91
CA ASN A 862 9.82 -24.68 10.16
C ASN A 862 10.81 -25.64 10.86
N MET A 863 11.36 -26.56 10.07
CA MET A 863 12.28 -27.55 10.56
C MET A 863 13.64 -27.24 9.96
N TYR A 864 14.59 -26.98 10.84
CA TYR A 864 15.92 -26.46 10.49
C TYR A 864 17.04 -27.44 10.53
N ALA A 865 17.98 -27.21 9.63
CA ALA A 865 19.37 -27.68 9.77
C ALA A 865 20.33 -26.52 9.61
N PHE A 866 21.43 -26.56 10.32
CA PHE A 866 22.45 -25.53 10.27
C PHE A 866 23.75 -26.17 9.81
N PHE A 867 24.38 -25.58 8.79
CA PHE A 867 25.55 -26.17 8.16
C PHE A 867 26.50 -25.09 7.74
N THR A 868 27.68 -25.49 7.33
CA THR A 868 28.75 -24.60 6.86
C THR A 868 29.34 -25.20 5.59
N THR A 869 29.37 -24.44 4.50
CA THR A 869 30.04 -24.94 3.31
C THR A 869 31.56 -24.97 3.54
N GLY A 870 32.18 -25.94 2.84
CA GLY A 870 33.64 -26.01 2.71
C GLY A 870 34.14 -25.22 1.53
N ALA A 871 35.26 -25.69 1.02
CA ALA A 871 35.91 -25.02 -0.09
C ALA A 871 35.26 -25.23 -1.41
N ASP A 872 34.53 -26.31 -1.60
CA ASP A 872 33.93 -26.71 -2.88
C ASP A 872 32.45 -26.84 -2.61
N VAL A 873 31.67 -26.09 -3.37
CA VAL A 873 30.22 -26.07 -3.20
C VAL A 873 29.51 -26.68 -4.40
N SER A 874 30.21 -27.54 -5.15
CA SER A 874 29.63 -28.16 -6.33
C SER A 874 28.79 -29.42 -6.05
N ASN A 875 28.82 -29.90 -4.82
CA ASN A 875 28.04 -31.09 -4.48
C ASN A 875 27.51 -31.03 -3.06
N VAL A 876 26.74 -29.98 -2.84
CA VAL A 876 25.98 -29.82 -1.60
C VAL A 876 24.56 -30.26 -1.90
N THR A 877 24.04 -31.19 -1.11
CA THR A 877 22.69 -31.67 -1.32
C THR A 877 21.77 -31.46 -0.15
N LEU A 878 20.49 -31.36 -0.49
CA LEU A 878 19.38 -31.24 0.43
C LEU A 878 18.42 -32.39 0.17
N THR A 879 18.10 -33.16 1.20
CA THR A 879 17.21 -34.28 1.10
C THR A 879 16.06 -34.13 2.06
N LEU A 880 14.85 -34.30 1.59
CA LEU A 880 13.67 -34.48 2.43
C LEU A 880 13.33 -35.97 2.41
N SER A 881 13.13 -36.53 3.59
CA SER A 881 12.81 -37.96 3.63
CA SER A 881 12.95 -37.99 3.75
C SER A 881 11.77 -38.29 4.63
N ARG A 882 11.19 -39.48 4.43
CA ARG A 882 10.17 -40.00 5.34
C ARG A 882 10.38 -41.51 5.51
N GLU A 883 10.47 -41.93 6.75
CA GLU A 883 10.54 -43.36 7.06
CA GLU A 883 10.54 -43.37 7.06
C GLU A 883 9.14 -43.97 6.88
N ALA A 884 9.04 -45.29 7.00
CA ALA A 884 7.81 -45.97 6.77
C ALA A 884 6.68 -45.52 7.69
N GLY A 885 5.50 -45.35 7.09
CA GLY A 885 4.28 -45.06 7.84
C GLY A 885 3.10 -44.95 6.89
N ASP A 886 1.92 -45.22 7.43
CA ASP A 886 0.70 -45.15 6.65
C ASP A 886 0.23 -43.67 6.46
N GLU A 887 0.36 -42.88 7.51
CA GLU A 887 -0.10 -41.49 7.46
C GLU A 887 0.86 -40.59 6.69
N ALA A 888 0.38 -39.38 6.43
CA ALA A 888 1.02 -38.42 5.55
C ALA A 888 1.92 -37.42 6.28
N THR A 889 3.02 -37.09 5.64
CA THR A 889 3.79 -35.89 5.96
C THR A 889 3.65 -34.91 4.81
N TYR A 890 3.47 -33.61 5.16
CA TYR A 890 3.33 -32.54 4.17
C TYR A 890 4.51 -31.57 4.35
N PHE A 891 5.10 -31.16 3.23
CA PHE A 891 6.24 -30.23 3.21
C PHE A 891 5.91 -29.08 2.29
N ASP A 892 6.38 -27.90 2.65
CA ASP A 892 6.30 -26.72 1.74
C ASP A 892 7.34 -25.73 2.19
N GLU A 893 8.04 -25.12 1.24
CA GLU A 893 8.98 -24.02 1.46
C GLU A 893 10.29 -24.53 1.97
N ILE A 894 11.33 -24.53 1.17
CA ILE A 894 12.64 -24.91 1.58
C ILE A 894 13.53 -23.68 1.35
N ARG A 895 13.91 -23.02 2.41
CA ARG A 895 14.66 -21.75 2.33
C ARG A 895 16.04 -21.95 2.92
N THR A 896 17.06 -21.63 2.11
CA THR A 896 18.47 -21.76 2.43
C THR A 896 19.04 -20.33 2.46
N PHE A 897 19.67 -19.92 3.54
CA PHE A 897 20.07 -18.53 3.67
C PHE A 897 21.19 -18.37 4.68
N GLU A 898 22.04 -17.37 4.50
CA GLU A 898 23.15 -17.15 5.41
C GLU A 898 22.64 -16.93 6.81
N ASN A 899 23.37 -17.48 7.76
CA ASN A 899 23.04 -17.39 9.18
C ASN A 899 24.26 -17.64 10.05
N ASN A 900 24.45 -16.82 11.08
CA ASN A 900 25.63 -16.85 11.93
CA ASN A 900 25.63 -16.91 11.95
C ASN A 900 25.32 -17.31 13.36
N SER A 901 24.29 -18.13 13.56
CA SER A 901 24.00 -18.61 14.92
C SER A 901 25.08 -19.57 15.41
N SER A 902 25.20 -19.72 16.74
CA SER A 902 26.20 -20.63 17.35
CA SER A 902 26.21 -20.60 17.35
C SER A 902 25.55 -21.39 18.49
N MET A 903 24.50 -22.13 18.15
CA MET A 903 23.59 -22.71 19.14
C MET A 903 24.04 -24.03 19.75
N TYR A 904 24.99 -24.73 19.14
CA TYR A 904 25.26 -26.15 19.48
C TYR A 904 26.67 -26.24 20.02
N GLY A 905 26.81 -26.17 21.34
CA GLY A 905 28.15 -26.27 21.93
C GLY A 905 29.04 -25.15 21.47
N ASP A 906 28.46 -23.95 21.32
CA ASP A 906 29.11 -22.73 20.85
C ASP A 906 29.58 -22.83 19.40
N LYS A 907 28.98 -23.74 18.64
CA LYS A 907 29.31 -23.93 17.23
C LYS A 907 28.02 -23.72 16.43
N HIS A 908 28.20 -23.38 15.16
CA HIS A 908 27.07 -23.15 14.26
C HIS A 908 26.31 -24.37 13.88
N ASP A 909 27.01 -25.45 13.48
CA ASP A 909 26.34 -26.54 12.81
C ASP A 909 25.48 -27.33 13.77
N THR A 910 24.38 -27.82 13.24
CA THR A 910 23.56 -28.84 13.94
C THR A 910 24.49 -29.92 14.49
N GLY A 911 24.42 -30.16 15.80
CA GLY A 911 25.24 -31.19 16.40
C GLY A 911 25.01 -31.23 17.89
N LYS A 912 25.95 -31.91 18.54
CA LYS A 912 25.83 -32.21 19.95
C LYS A 912 26.35 -31.06 20.80
N GLY A 913 26.04 -31.12 22.08
CA GLY A 913 26.64 -30.13 22.93
C GLY A 913 25.54 -29.23 23.47
N THR A 914 25.92 -28.34 24.34
CA THR A 914 24.91 -27.55 25.09
C THR A 914 24.22 -26.59 24.14
N PHE A 915 22.90 -26.57 24.23
CA PHE A 915 22.07 -25.68 23.38
C PHE A 915 22.03 -24.32 24.03
N LYS A 916 22.29 -23.27 23.27
CA LYS A 916 22.18 -21.89 23.77
C LYS A 916 21.52 -21.03 22.71
N GLN A 917 20.64 -20.16 23.15
CA GLN A 917 20.01 -19.14 22.32
C GLN A 917 20.14 -17.78 23.02
N ASP A 918 21.02 -16.93 22.51
CA ASP A 918 21.15 -15.54 22.94
C ASP A 918 20.30 -14.56 22.10
N PHE A 919 19.58 -15.13 21.12
CA PHE A 919 18.69 -14.39 20.19
C PHE A 919 19.41 -13.39 19.30
N GLU A 920 20.73 -13.49 19.21
CA GLU A 920 21.51 -12.51 18.49
C GLU A 920 21.64 -12.81 17.00
N ASN A 921 21.37 -14.05 16.60
CA ASN A 921 21.55 -14.47 15.22
C ASN A 921 20.42 -15.41 14.80
N VAL A 922 19.18 -15.04 15.11
CA VAL A 922 18.02 -15.84 14.76
C VAL A 922 17.75 -15.79 13.27
N ALA A 923 17.57 -16.93 12.65
CA ALA A 923 17.25 -17.03 11.24
C ALA A 923 15.87 -16.39 10.96
N GLN A 924 14.86 -16.87 11.66
CA GLN A 924 13.55 -16.21 11.69
C GLN A 924 12.74 -16.75 12.85
N GLY A 925 11.72 -16.00 13.22
CA GLY A 925 10.84 -16.49 14.30
C GLY A 925 11.49 -16.40 15.63
N ILE A 926 11.07 -17.31 16.55
CA ILE A 926 11.42 -17.24 17.94
C ILE A 926 12.04 -18.60 18.37
N PHE A 927 12.70 -19.26 17.43
CA PHE A 927 13.37 -20.52 17.60
C PHE A 927 14.22 -20.50 18.87
N PRO A 928 14.17 -21.57 19.70
CA PRO A 928 13.56 -22.86 19.43
C PRO A 928 12.06 -22.96 19.75
N PHE A 929 11.51 -21.86 20.20
CA PHE A 929 10.07 -21.77 20.41
C PHE A 929 9.32 -21.56 19.09
N VAL A 930 8.04 -21.82 19.15
CA VAL A 930 7.07 -21.39 18.13
C VAL A 930 5.91 -20.71 18.84
N VAL A 931 5.36 -19.67 18.26
CA VAL A 931 4.22 -19.01 18.86
C VAL A 931 3.07 -19.98 19.12
N GLY A 932 2.49 -19.81 20.32
CA GLY A 932 1.34 -20.61 20.74
C GLY A 932 0.02 -19.94 20.46
N GLY A 933 -1.03 -20.50 21.01
CA GLY A 933 -2.41 -20.13 20.71
C GLY A 933 -3.06 -19.10 21.61
N VAL A 934 -2.26 -18.43 22.44
CA VAL A 934 -2.77 -17.42 23.35
C VAL A 934 -3.68 -16.39 22.70
N GLU A 935 -3.38 -15.94 21.50
CA GLU A 935 -4.23 -15.01 20.76
C GLU A 935 -4.94 -15.65 19.55
N GLY A 936 -4.97 -16.98 19.51
CA GLY A 936 -5.43 -17.61 18.30
C GLY A 936 -4.50 -17.33 17.12
N VAL A 937 -5.02 -17.49 15.92
CA VAL A 937 -4.29 -17.13 14.70
C VAL A 937 -4.26 -15.60 14.64
N GLU A 938 -3.06 -15.03 14.77
CA GLU A 938 -2.95 -13.60 14.99
C GLU A 938 -1.59 -13.11 14.47
N ASP A 939 -1.47 -11.78 14.29
CA ASP A 939 -0.19 -11.12 14.17
C ASP A 939 0.33 -11.08 15.59
N ASN A 940 1.07 -12.14 15.90
CA ASN A 940 1.34 -12.50 17.31
C ASN A 940 2.09 -11.42 18.00
N ARG A 941 1.72 -11.10 19.23
CA ARG A 941 2.36 -10.02 19.98
CA ARG A 941 2.37 -10.02 20.00
C ARG A 941 3.61 -10.46 20.76
N THR A 942 4.34 -11.43 20.17
CA THR A 942 5.63 -11.88 20.65
C THR A 942 6.58 -11.77 19.44
N HIS A 943 7.77 -11.18 19.63
CA HIS A 943 8.74 -11.01 18.55
C HIS A 943 10.10 -10.78 19.16
N LEU A 944 11.10 -10.60 18.31
CA LEU A 944 12.46 -10.31 18.75
C LEU A 944 12.61 -8.82 18.95
N SER A 945 12.82 -8.41 20.20
CA SER A 945 13.03 -7.04 20.53
C SER A 945 14.45 -6.59 20.26
N GLU A 946 14.58 -5.36 19.77
CA GLU A 946 15.86 -4.76 19.37
C GLU A 946 16.23 -3.63 20.33
N LYS A 947 17.50 -3.62 20.73
CA LYS A 947 17.96 -2.61 21.70
C LYS A 947 18.19 -1.23 21.08
N HIS A 948 17.80 -0.20 21.82
CA HIS A 948 18.14 1.15 21.48
C HIS A 948 18.22 1.89 22.80
N ASP A 949 19.44 1.94 23.36
CA ASP A 949 19.63 2.62 24.63
CA ASP A 949 19.70 2.66 24.62
C ASP A 949 19.53 4.13 24.40
N PRO A 950 18.85 4.86 25.32
CA PRO A 950 18.20 4.43 26.57
C PRO A 950 16.76 4.02 26.42
N TYR A 951 16.15 4.26 25.26
CA TYR A 951 14.70 4.29 25.11
C TYR A 951 13.98 2.97 25.28
N THR A 952 14.69 1.89 24.95
CA THR A 952 14.12 0.55 25.09
C THR A 952 14.33 -0.04 26.48
N GLN A 953 15.09 0.65 27.34
CA GLN A 953 15.64 0.06 28.56
C GLN A 953 15.04 0.73 29.79
N ARG A 954 15.18 0.02 30.91
CA ARG A 954 14.69 0.53 32.18
C ARG A 954 15.00 1.98 32.39
N GLY A 955 14.00 2.73 32.82
CA GLY A 955 14.18 4.10 33.24
C GLY A 955 13.68 5.12 32.27
N TRP A 956 13.67 4.81 30.95
CA TRP A 956 13.27 5.84 30.01
C TRP A 956 11.77 5.95 30.05
N ASN A 957 11.24 7.18 30.27
CA ASN A 957 9.82 7.36 30.43
C ASN A 957 9.24 6.39 31.46
N GLY A 958 10.02 6.14 32.49
CA GLY A 958 9.58 5.32 33.61
C GLY A 958 9.52 3.84 33.33
N LYS A 959 10.09 3.36 32.20
CA LYS A 959 10.05 1.95 31.86
C LYS A 959 10.54 1.06 32.99
N LYS A 960 9.80 0.03 33.31
CA LYS A 960 10.16 -0.82 34.47
C LYS A 960 11.11 -1.96 34.18
N VAL A 961 11.11 -2.41 32.90
CA VAL A 961 11.85 -3.58 32.47
C VAL A 961 12.55 -3.26 31.14
N ASP A 962 13.66 -3.94 30.89
CA ASP A 962 14.41 -3.79 29.65
C ASP A 962 13.72 -4.57 28.52
N ASP A 963 13.58 -3.96 27.36
CA ASP A 963 13.22 -4.73 26.17
C ASP A 963 14.28 -5.76 25.84
N VAL A 964 15.56 -5.39 26.05
CA VAL A 964 16.70 -6.26 25.72
C VAL A 964 17.59 -6.47 26.96
N ILE A 965 17.73 -7.72 27.34
CA ILE A 965 18.48 -8.11 28.52
C ILE A 965 19.97 -8.11 28.28
N GLU A 966 20.41 -8.72 27.20
CA GLU A 966 21.84 -8.73 26.84
C GLU A 966 22.00 -8.73 25.34
N GLY A 967 23.07 -8.09 24.85
CA GLY A 967 23.30 -7.97 23.42
C GLY A 967 22.35 -6.98 22.82
N ASN A 968 21.97 -7.24 21.56
CA ASN A 968 21.07 -6.38 20.85
C ASN A 968 19.65 -6.92 20.73
N TRP A 969 19.40 -8.15 21.14
CA TRP A 969 18.10 -8.80 20.89
C TRP A 969 17.66 -9.64 22.06
N SER A 970 16.35 -9.63 22.32
CA SER A 970 15.74 -10.59 23.25
C SER A 970 14.43 -11.04 22.66
N LEU A 971 13.71 -11.90 23.38
CA LEU A 971 12.41 -12.43 23.02
C LEU A 971 11.36 -11.74 23.84
N LYS A 972 10.53 -10.91 23.23
CA LYS A 972 9.59 -10.06 23.95
C LYS A 972 8.18 -10.45 23.66
N THR A 973 7.37 -10.42 24.73
CA THR A 973 5.92 -10.53 24.66
C THR A 973 5.26 -9.27 25.23
N ASN A 974 4.42 -8.63 24.45
CA ASN A 974 3.82 -7.34 24.76
C ASN A 974 2.39 -7.48 25.22
N GLY A 975 2.22 -7.38 26.54
CA GLY A 975 0.89 -7.18 27.11
C GLY A 975 -0.03 -8.35 27.20
N LEU A 976 0.46 -9.58 26.97
CA LEU A 976 -0.39 -10.76 26.90
C LEU A 976 -0.60 -11.41 28.30
N VAL A 977 -1.11 -10.60 29.21
CA VAL A 977 -1.43 -11.02 30.57
C VAL A 977 -2.89 -11.47 30.66
N SER A 978 -3.09 -12.39 31.59
CA SER A 978 -4.43 -12.80 32.05
C SER A 978 -5.20 -13.55 31.00
N ARG A 979 -4.48 -14.29 30.15
CA ARG A 979 -5.11 -15.01 29.03
CA ARG A 979 -5.10 -14.97 29.04
C ARG A 979 -5.35 -16.50 29.27
N ARG A 980 -4.76 -17.06 30.31
CA ARG A 980 -4.91 -18.51 30.62
C ARG A 980 -4.64 -19.35 29.39
N ASN A 981 -3.45 -19.17 28.79
CA ASN A 981 -3.14 -19.86 27.58
C ASN A 981 -1.62 -19.76 27.31
N LEU A 982 -1.20 -20.60 26.38
CA LEU A 982 0.21 -20.80 26.00
C LEU A 982 0.71 -19.69 25.02
N VAL A 983 1.72 -18.97 25.49
CA VAL A 983 2.32 -17.86 24.70
C VAL A 983 3.25 -18.42 23.63
N TYR A 984 4.06 -19.40 23.95
CA TYR A 984 4.95 -20.07 23.02
C TYR A 984 5.50 -21.34 23.66
N GLN A 985 5.99 -22.25 22.84
CA GLN A 985 6.55 -23.55 23.30
C GLN A 985 7.64 -24.01 22.35
N THR A 986 8.57 -24.77 22.88
CA THR A 986 9.44 -25.56 22.04
C THR A 986 8.63 -26.64 21.36
N ILE A 987 9.20 -27.21 20.30
CA ILE A 987 8.69 -28.39 19.66
C ILE A 987 9.86 -29.31 19.41
N PRO A 988 9.63 -30.66 19.35
CA PRO A 988 10.78 -31.56 19.27
C PRO A 988 11.71 -31.36 18.06
N GLN A 989 11.18 -30.96 16.91
CA GLN A 989 12.02 -30.72 15.76
C GLN A 989 12.98 -29.57 15.98
N ASN A 990 12.64 -28.67 16.89
CA ASN A 990 13.52 -27.53 17.23
C ASN A 990 14.38 -27.79 18.47
N PHE A 991 13.85 -28.49 19.47
CA PHE A 991 14.70 -28.98 20.55
C PHE A 991 14.01 -30.20 21.14
N ARG A 992 14.68 -31.37 21.09
CA ARG A 992 14.10 -32.62 21.56
C ARG A 992 14.67 -32.96 22.94
N PHE A 993 13.73 -33.05 23.89
CA PHE A 993 14.07 -33.57 25.25
C PHE A 993 14.05 -35.10 25.13
N GLU A 994 15.23 -35.71 24.96
CA GLU A 994 15.26 -37.14 24.58
C GLU A 994 14.66 -37.98 25.72
N ALA A 995 13.97 -39.03 25.32
CA ALA A 995 13.30 -39.94 26.26
C ALA A 995 14.24 -40.36 27.38
N GLY A 996 13.80 -40.13 28.61
CA GLY A 996 14.57 -40.57 29.77
C GLY A 996 15.76 -39.74 30.15
N LYS A 997 16.14 -38.74 29.35
CA LYS A 997 17.24 -37.91 29.68
C LYS A 997 16.79 -36.63 30.42
N THR A 998 17.63 -36.10 31.29
CA THR A 998 17.34 -34.92 32.09
C THR A 998 18.20 -33.75 31.63
N TYR A 999 17.55 -32.59 31.60
CA TYR A 999 18.13 -31.33 31.16
C TYR A 999 17.93 -30.21 32.16
N ARG A 1000 18.91 -29.33 32.24
CA ARG A 1000 18.79 -28.10 33.01
CA ARG A 1000 18.77 -28.11 33.00
C ARG A 1000 18.45 -27.01 31.99
N VAL A 1001 17.28 -26.43 32.15
CA VAL A 1001 16.82 -25.29 31.33
C VAL A 1001 17.05 -24.03 32.14
N THR A 1002 17.80 -23.08 31.61
CA THR A 1002 18.13 -21.84 32.27
CA THR A 1002 18.11 -21.81 32.28
C THR A 1002 17.83 -20.67 31.31
N PHE A 1003 17.37 -19.56 31.85
CA PHE A 1003 17.22 -18.33 31.04
C PHE A 1003 17.21 -17.14 31.97
N GLU A 1004 17.44 -15.97 31.42
CA GLU A 1004 17.19 -14.70 32.09
C GLU A 1004 15.88 -14.13 31.60
N TYR A 1005 15.17 -13.44 32.47
CA TYR A 1005 13.85 -12.91 32.10
C TYR A 1005 13.60 -11.59 32.80
N GLU A 1006 12.81 -10.76 32.12
CA GLU A 1006 12.12 -9.60 32.73
C GLU A 1006 10.66 -9.96 32.78
N ALA A 1007 10.00 -9.52 33.86
CA ALA A 1007 8.53 -9.63 33.97
C ALA A 1007 8.06 -8.40 34.72
N GLY A 1008 7.07 -7.73 34.17
CA GLY A 1008 6.58 -6.49 34.77
C GLY A 1008 5.67 -6.62 35.99
N SER A 1009 5.12 -7.81 36.19
CA SER A 1009 4.18 -8.07 37.28
CA SER A 1009 4.21 -8.04 37.30
C SER A 1009 4.40 -9.46 37.83
N ASP A 1010 4.00 -9.67 39.09
CA ASP A 1010 4.14 -10.97 39.70
C ASP A 1010 3.14 -11.99 39.16
N ASN A 1011 3.63 -13.15 38.75
CA ASN A 1011 2.81 -14.28 38.45
C ASN A 1011 1.82 -14.10 37.32
N THR A 1012 2.19 -13.17 36.40
CA THR A 1012 1.39 -13.02 35.19
C THR A 1012 1.82 -14.04 34.10
N TYR A 1013 3.10 -14.38 34.10
CA TYR A 1013 3.68 -15.38 33.19
C TYR A 1013 4.28 -16.50 34.02
N ALA A 1014 4.29 -17.67 33.40
CA ALA A 1014 4.78 -18.90 34.02
C ALA A 1014 5.66 -19.64 33.04
N PHE A 1015 6.72 -20.25 33.54
CA PHE A 1015 7.47 -21.27 32.81
C PHE A 1015 6.70 -22.55 32.96
N VAL A 1016 6.50 -23.26 31.89
CA VAL A 1016 5.72 -24.51 31.90
C VAL A 1016 6.42 -25.65 31.15
N VAL A 1017 6.15 -26.87 31.60
CA VAL A 1017 6.59 -28.10 30.97
C VAL A 1017 5.37 -28.89 30.60
N GLY A 1018 5.26 -29.33 29.35
CA GLY A 1018 4.22 -30.16 28.84
C GLY A 1018 4.74 -31.27 27.96
N LYS A 1019 3.82 -32.09 27.47
CA LYS A 1019 4.15 -33.08 26.46
C LYS A 1019 2.99 -33.25 25.54
N GLY A 1020 3.27 -33.60 24.29
CA GLY A 1020 2.22 -33.79 23.35
C GLY A 1020 1.51 -32.53 22.94
N GLU A 1021 0.33 -32.61 22.36
CA GLU A 1021 -0.36 -31.42 21.88
C GLU A 1021 -0.98 -30.71 23.07
N PHE A 1022 -0.73 -29.41 23.18
CA PHE A 1022 -1.36 -28.58 24.19
C PHE A 1022 -2.83 -28.39 23.91
N GLN A 1023 -3.67 -28.60 24.91
CA GLN A 1023 -5.12 -28.28 24.83
C GLN A 1023 -5.49 -27.27 25.94
N SER A 1024 -6.08 -26.15 25.57
CA SER A 1024 -6.36 -25.12 26.59
C SER A 1024 -7.62 -25.46 27.45
N GLN A 1030 -11.24 -30.79 27.62
CA GLN A 1030 -10.20 -31.41 28.44
C GLN A 1030 -8.87 -30.62 28.33
N ALA A 1031 -8.55 -29.85 29.38
CA ALA A 1031 -7.34 -29.03 29.42
C ALA A 1031 -6.10 -29.91 29.57
N SER A 1032 -4.95 -29.46 29.06
CA SER A 1032 -3.74 -30.30 29.17
C SER A 1032 -3.08 -30.14 30.51
N ASN A 1033 -2.55 -31.24 31.04
CA ASN A 1033 -1.68 -31.21 32.21
C ASN A 1033 -0.42 -30.38 31.92
N LEU A 1034 -0.11 -29.43 32.78
CA LEU A 1034 1.13 -28.66 32.70
C LEU A 1034 1.80 -28.58 34.04
N GLU A 1035 3.11 -28.71 34.06
CA GLU A 1035 3.92 -28.36 35.22
C GLU A 1035 4.10 -26.85 35.17
N MET A 1036 3.65 -26.16 36.20
CA MET A 1036 3.61 -24.70 36.15
CA MET A 1036 3.49 -24.70 36.25
C MET A 1036 4.49 -24.04 37.19
N HIS A 1037 5.22 -23.03 36.76
CA HIS A 1037 6.16 -22.26 37.58
C HIS A 1037 5.92 -20.81 37.35
N GLU A 1038 5.02 -20.21 38.13
CA GLU A 1038 4.72 -18.77 38.01
C GLU A 1038 5.95 -17.96 38.39
N LEU A 1039 6.21 -16.87 37.66
CA LEU A 1039 7.41 -16.14 37.82
C LEU A 1039 7.15 -14.77 38.47
N PRO A 1040 8.01 -14.36 39.41
CA PRO A 1040 7.86 -13.03 40.06
C PRO A 1040 8.26 -11.90 39.13
N ASN A 1041 7.79 -10.70 39.40
CA ASN A 1041 8.28 -9.50 38.70
C ASN A 1041 9.76 -9.35 38.94
N THR A 1042 10.48 -8.70 38.01
CA THR A 1042 11.90 -8.59 38.08
C THR A 1042 12.48 -7.22 38.41
N TRP A 1043 11.61 -6.25 38.78
CA TRP A 1043 12.07 -4.89 39.01
C TRP A 1043 11.81 -4.28 40.36
N THR A 1044 10.86 -4.78 41.14
CA THR A 1044 10.61 -4.12 42.43
C THR A 1044 11.76 -4.38 43.39
N ASP A 1045 12.48 -5.50 43.22
CA ASP A 1045 13.58 -5.86 44.12
C ASP A 1045 14.86 -6.23 43.40
N SER A 1046 15.03 -5.71 42.18
CA SER A 1046 16.20 -6.04 41.38
C SER A 1046 16.42 -4.94 40.34
N LYS A 1047 17.68 -4.70 40.03
CA LYS A 1047 18.05 -3.70 39.03
C LYS A 1047 18.18 -4.29 37.63
N LYS A 1048 17.97 -5.59 37.49
CA LYS A 1048 18.12 -6.28 36.23
C LYS A 1048 17.35 -7.57 36.18
N ALA A 1049 17.27 -8.15 34.98
CA ALA A 1049 16.63 -9.44 34.74
C ALA A 1049 17.05 -10.48 35.79
N LYS A 1050 16.12 -11.35 36.10
CA LYS A 1050 16.38 -12.46 37.00
C LYS A 1050 16.70 -13.70 36.23
N LYS A 1051 17.40 -14.62 36.89
CA LYS A 1051 17.78 -15.88 36.31
CA LYS A 1051 17.78 -15.88 36.34
C LYS A 1051 16.86 -16.97 36.83
N ALA A 1052 16.40 -17.85 35.95
CA ALA A 1052 15.51 -18.97 36.28
C ALA A 1052 16.17 -20.28 35.83
N THR A 1053 16.02 -21.34 36.62
CA THR A 1053 16.59 -22.62 36.32
CA THR A 1053 16.58 -22.64 36.30
C THR A 1053 15.60 -23.74 36.67
N PHE A 1054 15.46 -24.72 35.79
CA PHE A 1054 14.48 -25.77 35.92
C PHE A 1054 15.09 -27.06 35.41
N LEU A 1055 14.76 -28.18 36.08
CA LEU A 1055 15.09 -29.51 35.58
C LEU A 1055 13.91 -30.12 34.86
N VAL A 1056 14.20 -30.71 33.71
CA VAL A 1056 13.21 -31.31 32.86
C VAL A 1056 13.70 -32.65 32.35
N THR A 1057 12.93 -33.69 32.54
CA THR A 1057 13.23 -35.04 32.01
C THR A 1057 12.30 -35.31 30.85
N GLY A 1058 12.86 -35.77 29.75
CA GLY A 1058 12.08 -36.10 28.60
C GLY A 1058 11.17 -37.28 28.83
N ALA A 1059 9.89 -37.10 28.54
CA ALA A 1059 8.92 -38.21 28.52
C ALA A 1059 9.37 -39.32 27.54
N GLU A 1060 9.01 -40.57 27.87
CA GLU A 1060 9.37 -41.71 27.06
C GLU A 1060 8.79 -41.62 25.65
N THR A 1061 7.70 -40.87 25.50
CA THR A 1061 7.07 -40.66 24.18
C THR A 1061 7.83 -39.61 23.30
N GLY A 1062 8.86 -38.98 23.84
CA GLY A 1062 9.77 -38.13 23.03
C GLY A 1062 9.23 -36.73 22.79
N ASP A 1063 8.06 -36.45 23.36
CA ASP A 1063 7.24 -35.28 22.97
C ASP A 1063 7.17 -34.20 24.06
N THR A 1064 8.13 -34.19 24.97
CA THR A 1064 8.25 -33.17 25.98
C THR A 1064 8.61 -31.83 25.34
N TRP A 1065 8.06 -30.79 25.93
CA TRP A 1065 8.37 -29.40 25.53
C TRP A 1065 8.32 -28.48 26.71
N VAL A 1066 8.90 -27.30 26.57
CA VAL A 1066 8.82 -26.26 27.55
C VAL A 1066 8.31 -24.96 26.92
N GLY A 1067 7.79 -24.07 27.74
CA GLY A 1067 7.27 -22.81 27.17
C GLY A 1067 6.94 -21.79 28.23
N ILE A 1068 6.28 -20.74 27.75
CA ILE A 1068 5.84 -19.62 28.60
C ILE A 1068 4.32 -19.51 28.43
N TYR A 1069 3.65 -19.41 29.57
CA TYR A 1069 2.21 -19.44 29.70
C TYR A 1069 1.71 -18.15 30.36
N SER A 1070 0.64 -17.61 29.81
CA SER A 1070 -0.05 -16.43 30.36
C SER A 1070 -1.11 -16.95 31.36
N THR A 1071 -0.87 -16.62 32.62
CA THR A 1071 -1.75 -17.13 33.70
C THR A 1071 -3.10 -16.44 33.69
N GLY A 1072 -3.98 -16.87 34.61
CA GLY A 1072 -5.23 -16.22 34.88
C GLY A 1072 -5.12 -15.05 35.83
N ASN A 1073 -3.96 -14.78 36.38
CA ASN A 1073 -3.81 -13.71 37.35
C ASN A 1073 -3.86 -12.34 36.72
N ALA A 1074 -4.48 -11.40 37.42
CA ALA A 1074 -4.42 -9.99 36.96
C ALA A 1074 -3.03 -9.45 37.13
N SER A 1075 -2.63 -8.60 36.16
CA SER A 1075 -1.40 -7.85 36.27
CA SER A 1075 -1.43 -7.85 36.24
C SER A 1075 -1.62 -6.60 37.12
N ASN A 1076 -0.52 -5.91 37.42
CA ASN A 1076 -0.53 -4.73 38.30
C ASN A 1076 0.12 -3.56 37.58
N THR A 1077 -0.69 -2.59 37.15
CA THR A 1077 -0.12 -1.43 36.51
C THR A 1077 0.19 -0.29 37.49
N ARG A 1078 0.11 -0.58 38.79
CA ARG A 1078 0.65 0.29 39.83
C ARG A 1078 0.09 1.71 39.77
N GLY A 1079 -1.18 1.84 39.42
CA GLY A 1079 -1.83 3.14 39.32
C GLY A 1079 -1.66 3.88 38.00
N ASP A 1080 -0.78 3.35 37.15
CA ASP A 1080 -0.67 3.84 35.77
C ASP A 1080 -1.79 3.29 34.93
N SER A 1081 -2.01 3.91 33.79
CA SER A 1081 -3.07 3.51 32.87
C SER A 1081 -2.72 3.83 31.44
N GLY A 1082 -3.48 3.29 30.51
CA GLY A 1082 -3.40 3.66 29.11
C GLY A 1082 -1.98 3.50 28.55
N GLY A 1083 -1.56 4.45 27.73
CA GLY A 1083 -0.28 4.35 27.10
C GLY A 1083 0.93 4.25 28.01
N ASN A 1084 0.90 4.99 29.10
CA ASN A 1084 1.96 4.85 30.09
C ASN A 1084 2.06 3.40 30.62
N ALA A 1085 0.90 2.83 30.95
CA ALA A 1085 0.87 1.44 31.41
C ALA A 1085 1.37 0.47 30.37
N ASN A 1086 0.97 0.64 29.13
CA ASN A 1086 1.49 -0.22 28.05
C ASN A 1086 3.00 -0.02 27.84
N PHE A 1087 3.46 1.21 27.87
CA PHE A 1087 4.86 1.49 27.59
C PHE A 1087 5.78 0.92 28.66
N ARG A 1088 5.37 1.02 29.92
CA ARG A 1088 6.29 0.81 30.98
C ARG A 1088 6.53 -0.66 31.32
N GLY A 1089 5.72 -1.55 30.77
CA GLY A 1089 6.02 -2.98 30.78
C GLY A 1089 5.55 -3.82 31.95
N TYR A 1090 4.65 -3.25 32.72
CA TYR A 1090 3.90 -4.02 33.73
C TYR A 1090 3.37 -5.32 33.20
N ASN A 1091 2.92 -5.31 31.95
CA ASN A 1091 2.23 -6.43 31.36
C ASN A 1091 3.10 -7.24 30.39
N ASP A 1092 4.42 -7.00 30.44
CA ASP A 1092 5.35 -7.61 29.48
C ASP A 1092 6.15 -8.74 30.08
N PHE A 1093 6.72 -9.55 29.21
CA PHE A 1093 7.65 -10.64 29.54
C PHE A 1093 8.75 -10.63 28.49
N MET A 1094 10.00 -10.70 28.90
CA MET A 1094 11.16 -10.80 27.98
C MET A 1094 12.01 -11.94 28.44
N MET A 1095 12.56 -12.70 27.49
CA MET A 1095 13.48 -13.80 27.77
C MET A 1095 14.78 -13.58 27.02
N ASP A 1096 15.89 -13.99 27.59
CA ASP A 1096 17.17 -13.96 26.87
C ASP A 1096 18.06 -15.05 27.44
N ASN A 1097 19.14 -15.33 26.73
CA ASN A 1097 20.15 -16.28 27.21
C ASN A 1097 19.57 -17.60 27.64
N LEU A 1098 18.75 -18.20 26.79
CA LEU A 1098 18.28 -19.53 27.01
C LEU A 1098 19.42 -20.54 26.89
N GLN A 1099 19.51 -21.47 27.84
CA GLN A 1099 20.44 -22.60 27.73
C GLN A 1099 19.74 -23.86 28.09
N ILE A 1100 19.99 -24.94 27.36
CA ILE A 1100 19.41 -26.24 27.70
C ILE A 1100 20.56 -27.25 27.64
N GLU A 1101 20.92 -27.78 28.82
CA GLU A 1101 22.10 -28.65 28.95
CA GLU A 1101 22.10 -28.64 28.97
C GLU A 1101 21.67 -30.01 29.48
N GLU A 1102 22.04 -31.09 28.76
CA GLU A 1102 21.79 -32.45 29.24
C GLU A 1102 22.72 -32.70 30.42
N ILE A 1103 22.18 -33.21 31.54
CA ILE A 1103 22.96 -33.37 32.78
C ILE A 1103 22.70 -34.73 33.39
N THR A 1104 23.55 -35.18 34.28
CA THR A 1104 23.20 -36.39 35.05
C THR A 1104 23.01 -35.92 36.48
N LEU A 1105 21.88 -36.27 37.07
CA LEU A 1105 21.60 -35.77 38.41
C LEU A 1105 22.55 -36.46 39.41
N THR A 1106 23.46 -35.68 40.01
CA THR A 1106 24.31 -36.16 41.11
C THR A 1106 24.29 -35.18 42.27
N GLY A 1107 24.69 -35.69 43.45
CA GLY A 1107 24.90 -34.86 44.64
C GLY A 1107 23.67 -34.07 44.99
N LYS A 1108 23.82 -32.74 45.07
CA LYS A 1108 22.72 -31.91 45.51
C LYS A 1108 21.73 -31.58 44.41
N MET A 1109 22.05 -31.89 43.16
CA MET A 1109 21.08 -31.79 42.07
CA MET A 1109 21.05 -31.74 42.10
C MET A 1109 19.90 -32.70 42.39
N LEU A 1110 20.18 -33.81 43.08
CA LEU A 1110 19.11 -34.74 43.48
C LEU A 1110 18.05 -34.12 44.43
N THR A 1111 18.39 -33.00 45.09
CA THR A 1111 17.44 -32.31 45.97
C THR A 1111 16.54 -31.30 45.22
N GLU A 1112 16.98 -30.87 44.03
CA GLU A 1112 16.20 -29.94 43.16
C GLU A 1112 17.05 -29.45 42.00
#